data_9FX1
#
_entry.id   9FX1
#
_cell.length_a   1.00
_cell.length_b   1.00
_cell.length_c   1.00
_cell.angle_alpha   90.00
_cell.angle_beta   90.00
_cell.angle_gamma   90.00
#
_symmetry.space_group_name_H-M   'P 1'
#
loop_
_entity.id
_entity.type
_entity.pdbx_description
1 polymer 'Capsid protein VP1'
2 polymer 'Capsid protein VP2'
3 polymer 'Capsid protein VP3'
4 polymer 'Capsid protein VP4'
5 non-polymer 'LAURIC ACID'
6 water water
#
loop_
_entity_poly.entity_id
_entity_poly.type
_entity_poly.pdbx_seq_one_letter_code
_entity_poly.pdbx_strand_id
1 'polypeptide(L)'
;NPVENYIDSVLNEVLVVPNIQPSTSVSSHAAPALDAAETGHTSSVQPEDMIETRYVITDQTRDETSIESFLGRSGCIAMI
EFNTSSDKTEHDKIGKGFKTWKVSLQEMAQIRRKYELFTYTRFDSEITIVTAAAAQGNDSGHIVLQFMYVPPGAPVPEKR
DDYTWQSGTNASVFWQEGQPYPRFTIPFMSIASAYYMFYDGYDGDSAASKYGSVVTNDMGTICVRIVTSNQKHDSNIVCR
IYHKAKHIKAWCPRPPRAVAYQHTHSTNYIPSNGEATTQIKTRPD
;
A
2 'polypeptide(L)'
;SDRLIQITRGDSTITSQDTANAVVAYGVWPSYLTPDDATAIDKPTQPDTSSNRFYTLDSRSWTSASSGWWWKLPDALKNM
GIFGENMFYHFLGRSGYTIHVQCNSSKFHQGLLIVAAIPEHQLASATSGNVSVGYNHTHPGEQGREVVPSRTSSDNKRPS
DDSWLNFDGTLLGNLPIYPHQYINLRTNNSATLILPYVNAVPMDSMLRHNNWSLVIIPICPLQVQPGGTQSIPITVSISP
MFSEFSGPRSKVVF
;
B
3 'polypeptide(L)'
;SPSAFPYFHPTKEIFIPGQVRNLIEMCQVDTLIPVNNTQENVRSVNMYTVDLRTQVDLAKEVFSIPVDIASQPLATTLIG
ELASYYTHWTGSLRFSFMFCGSASSTLKLLIAYTPPGVGKPKSRREAMLGTHLVWDVGLQSTASLVVPWVSASHFRFTTP
DTYSSAGYITCWYQTNFVVPDSTPDNAKMVCMVSACKDFCLRLARDTNLHTQEG
;
C
4 'polypeptide(L)' NINYFKDAASSGASRLD D
#
# COMPACT_ATOMS: atom_id res chain seq x y z
N ASN A 1 -15.55 16.38 -28.77
CA ASN A 1 -14.81 17.59 -29.21
C ASN A 1 -13.94 18.11 -28.06
N PRO A 2 -12.65 18.44 -28.28
CA PRO A 2 -11.74 18.93 -27.24
C PRO A 2 -12.23 20.11 -26.38
N VAL A 3 -13.13 20.97 -26.89
CA VAL A 3 -13.74 22.06 -26.11
C VAL A 3 -14.61 21.54 -24.95
N GLU A 4 -15.27 20.39 -25.11
CA GLU A 4 -16.02 19.74 -24.03
C GLU A 4 -15.08 19.30 -22.90
N ASN A 5 -13.94 18.69 -23.24
CA ASN A 5 -12.92 18.30 -22.26
C ASN A 5 -12.28 19.52 -21.57
N TYR A 6 -12.09 20.63 -22.28
CA TYR A 6 -11.65 21.89 -21.68
C TYR A 6 -12.68 22.45 -20.68
N ILE A 7 -13.96 22.54 -21.07
CA ILE A 7 -15.02 23.03 -20.18
C ILE A 7 -15.13 22.15 -18.93
N ASP A 8 -15.13 20.83 -19.08
CA ASP A 8 -15.10 19.90 -17.93
C ASP A 8 -13.86 20.12 -17.05
N SER A 9 -12.69 20.36 -17.66
CA SER A 9 -11.45 20.61 -16.92
C SER A 9 -11.51 21.92 -16.12
N VAL A 10 -12.04 23.02 -16.66
CA VAL A 10 -12.13 24.29 -15.87
C VAL A 10 -13.21 24.24 -14.80
N LEU A 11 -14.27 23.44 -14.99
CA LEU A 11 -15.29 23.20 -13.98
C LEU A 11 -14.89 22.12 -12.95
N ASN A 12 -13.79 21.38 -13.18
CA ASN A 12 -13.41 20.18 -12.42
C ASN A 12 -14.52 19.11 -12.39
N GLU A 13 -15.13 18.87 -13.55
CA GLU A 13 -16.20 17.90 -13.79
C GLU A 13 -15.79 16.76 -14.73
N VAL A 14 -14.50 16.47 -14.87
CA VAL A 14 -14.03 15.44 -15.79
C VAL A 14 -14.47 14.05 -15.32
N LEU A 15 -14.38 13.78 -14.01
CA LEU A 15 -14.63 12.46 -13.41
C LEU A 15 -15.98 12.45 -12.68
N VAL A 16 -17.04 12.29 -13.47
CA VAL A 16 -18.45 12.21 -13.04
C VAL A 16 -18.69 11.02 -12.11
N VAL A 17 -19.67 11.15 -11.23
CA VAL A 17 -20.04 10.14 -10.24
C VAL A 17 -21.47 9.66 -10.55
N PRO A 18 -21.78 8.35 -10.48
CA PRO A 18 -23.12 7.84 -10.76
C PRO A 18 -24.24 8.54 -9.98
N ASN A 19 -25.38 8.74 -10.61
CA ASN A 19 -26.61 9.13 -9.91
C ASN A 19 -27.08 8.01 -8.96
N ILE A 20 -27.78 8.37 -7.89
CA ILE A 20 -28.52 7.38 -7.10
C ILE A 20 -29.86 7.18 -7.78
N GLN A 21 -30.13 5.96 -8.24
CA GLN A 21 -31.42 5.66 -8.86
C GLN A 21 -32.50 5.48 -7.79
N PRO A 22 -33.77 5.76 -8.08
CA PRO A 22 -34.84 5.43 -7.16
C PRO A 22 -34.95 3.91 -7.04
N SER A 23 -35.28 3.43 -5.85
CA SER A 23 -35.55 2.01 -5.60
C SER A 23 -36.82 1.86 -4.77
N THR A 24 -37.33 0.64 -4.72
CA THR A 24 -38.58 0.29 -4.03
C THR A 24 -38.36 -0.97 -3.19
N SER A 25 -39.33 -1.33 -2.35
CA SER A 25 -39.27 -2.57 -1.58
C SER A 25 -39.06 -3.78 -2.50
N VAL A 26 -38.24 -4.73 -2.08
CA VAL A 26 -37.96 -5.97 -2.82
C VAL A 26 -38.10 -7.16 -1.87
N SER A 27 -38.71 -8.23 -2.36
CA SER A 27 -38.79 -9.54 -1.69
C SER A 27 -38.41 -10.61 -2.70
N SER A 28 -37.20 -11.16 -2.57
CA SER A 28 -36.58 -11.97 -3.63
C SER A 28 -35.61 -13.02 -3.06
N HIS A 29 -35.33 -14.07 -3.83
CA HIS A 29 -34.21 -14.98 -3.56
C HIS A 29 -32.84 -14.34 -3.81
N ALA A 30 -32.78 -13.29 -4.63
CA ALA A 30 -31.57 -12.48 -4.76
C ALA A 30 -31.31 -11.75 -3.44
N ALA A 31 -30.11 -11.93 -2.88
CA ALA A 31 -29.73 -11.34 -1.60
C ALA A 31 -28.42 -10.53 -1.77
N PRO A 32 -28.46 -9.35 -2.43
CA PRO A 32 -27.28 -8.51 -2.61
C PRO A 32 -26.51 -8.21 -1.32
N ALA A 33 -27.19 -8.19 -0.16
CA ALA A 33 -26.56 -7.95 1.13
C ALA A 33 -25.60 -9.06 1.58
N LEU A 34 -25.70 -10.27 1.02
CA LEU A 34 -24.88 -11.43 1.38
C LEU A 34 -23.82 -11.72 0.32
N ASP A 35 -22.62 -12.08 0.75
CA ASP A 35 -21.49 -12.39 -0.15
C ASP A 35 -20.47 -13.31 0.56
N ALA A 36 -19.34 -13.56 -0.09
CA ALA A 36 -18.19 -14.26 0.46
C ALA A 36 -16.92 -13.40 0.30
N ALA A 37 -16.54 -12.65 1.34
CA ALA A 37 -15.29 -11.88 1.34
C ALA A 37 -14.06 -12.77 1.19
N GLU A 38 -14.17 -14.08 1.46
CA GLU A 38 -13.13 -15.07 1.22
C GLU A 38 -12.60 -15.04 -0.21
N THR A 39 -13.44 -14.67 -1.17
CA THR A 39 -13.08 -14.53 -2.58
C THR A 39 -12.00 -13.49 -2.82
N GLY A 40 -11.76 -12.57 -1.88
CA GLY A 40 -10.83 -11.45 -2.07
C GLY A 40 -11.40 -10.27 -2.86
N HIS A 41 -12.65 -10.39 -3.32
CA HIS A 41 -13.38 -9.31 -3.99
C HIS A 41 -14.25 -8.56 -2.98
N THR A 42 -14.33 -7.25 -3.11
CA THR A 42 -15.22 -6.42 -2.28
C THR A 42 -16.65 -6.53 -2.79
N SER A 43 -17.65 -6.63 -1.91
CA SER A 43 -19.05 -6.76 -2.33
C SER A 43 -19.46 -5.60 -3.25
N SER A 44 -20.21 -5.92 -4.31
CA SER A 44 -20.72 -4.97 -5.29
C SER A 44 -22.00 -4.24 -4.81
N VAL A 45 -22.53 -4.55 -3.63
CA VAL A 45 -23.80 -3.98 -3.16
C VAL A 45 -23.75 -2.45 -3.06
N GLN A 46 -24.83 -1.79 -3.46
CA GLN A 46 -24.97 -0.33 -3.49
C GLN A 46 -26.23 0.09 -2.70
N PRO A 47 -26.39 1.38 -2.32
CA PRO A 47 -27.52 1.82 -1.50
C PRO A 47 -28.89 1.38 -2.03
N GLU A 48 -29.11 1.43 -3.34
CA GLU A 48 -30.40 1.06 -3.94
C GLU A 48 -30.80 -0.39 -3.68
N ASP A 49 -29.84 -1.28 -3.41
CA ASP A 49 -30.06 -2.70 -3.13
C ASP A 49 -30.52 -2.98 -1.69
N MET A 50 -30.35 -2.04 -0.76
CA MET A 50 -30.51 -2.28 0.68
C MET A 50 -31.38 -1.28 1.45
N ILE A 51 -31.72 -0.17 0.83
CA ILE A 51 -32.73 0.77 1.32
C ILE A 51 -33.58 1.24 0.13
N GLU A 52 -34.78 1.75 0.40
CA GLU A 52 -35.56 2.44 -0.61
C GLU A 52 -34.98 3.86 -0.83
N THR A 53 -34.29 4.06 -1.94
CA THR A 53 -33.67 5.34 -2.31
C THR A 53 -34.63 6.21 -3.13
N ARG A 54 -34.46 7.53 -3.02
CA ARG A 54 -35.00 8.49 -3.99
C ARG A 54 -34.05 8.62 -5.21
N TYR A 55 -34.50 9.25 -6.28
CA TYR A 55 -33.60 9.73 -7.32
C TYR A 55 -32.76 10.91 -6.78
N VAL A 56 -31.44 10.82 -6.89
CA VAL A 56 -30.51 11.94 -6.64
C VAL A 56 -29.60 12.13 -7.84
N ILE A 57 -29.60 13.33 -8.42
CA ILE A 57 -28.64 13.72 -9.45
C ILE A 57 -27.36 14.11 -8.74
N THR A 58 -26.35 13.24 -8.81
CA THR A 58 -25.11 13.33 -8.04
C THR A 58 -24.19 14.42 -8.62
N ASP A 59 -23.98 15.51 -7.89
CA ASP A 59 -23.12 16.62 -8.35
C ASP A 59 -21.62 16.38 -8.10
N GLN A 60 -21.25 15.47 -7.18
CA GLN A 60 -19.86 15.18 -6.85
C GLN A 60 -19.00 14.86 -8.09
N THR A 61 -17.70 15.15 -8.00
CA THR A 61 -16.70 14.76 -9.00
C THR A 61 -15.45 14.23 -8.31
N ARG A 62 -14.71 13.34 -8.97
CA ARG A 62 -13.50 12.68 -8.44
C ARG A 62 -12.18 13.29 -8.90
N ASP A 63 -12.24 14.42 -9.58
CA ASP A 63 -11.06 15.08 -10.13
C ASP A 63 -9.98 15.30 -9.06
N GLU A 64 -10.35 15.76 -7.86
CA GLU A 64 -9.38 16.05 -6.82
C GLU A 64 -8.77 14.81 -6.15
N THR A 65 -9.33 13.62 -6.33
CA THR A 65 -8.70 12.35 -5.93
C THR A 65 -7.98 11.63 -7.07
N SER A 66 -7.88 12.25 -8.25
CA SER A 66 -6.97 11.75 -9.29
C SER A 66 -5.54 11.69 -8.76
N ILE A 67 -4.72 10.76 -9.26
CA ILE A 67 -3.32 10.70 -8.83
C ILE A 67 -2.56 11.99 -9.23
N GLU A 68 -2.88 12.59 -10.37
CA GLU A 68 -2.36 13.92 -10.74
C GLU A 68 -2.70 14.97 -9.68
N SER A 69 -3.95 15.02 -9.20
CA SER A 69 -4.29 15.93 -8.11
C SER A 69 -3.58 15.59 -6.80
N PHE A 70 -3.54 14.32 -6.41
CA PHE A 70 -3.06 13.90 -5.10
C PHE A 70 -1.54 14.08 -4.95
N LEU A 71 -0.76 13.63 -5.93
CA LEU A 71 0.71 13.75 -5.92
C LEU A 71 1.22 15.03 -6.59
N GLY A 72 0.42 15.70 -7.41
CA GLY A 72 0.80 16.87 -8.20
C GLY A 72 0.74 18.19 -7.45
N ARG A 73 1.25 18.23 -6.22
CA ARG A 73 1.32 19.42 -5.36
C ARG A 73 2.74 19.57 -4.83
N SER A 74 3.28 20.79 -4.82
CA SER A 74 4.66 21.03 -4.38
C SER A 74 4.80 20.80 -2.88
N GLY A 75 5.70 19.90 -2.47
CA GLY A 75 6.05 19.69 -1.07
C GLY A 75 7.57 19.73 -0.85
N CYS A 76 8.00 20.14 0.34
CA CYS A 76 9.43 20.19 0.66
C CYS A 76 10.02 18.77 0.64
N ILE A 77 11.19 18.59 0.03
CA ILE A 77 11.94 17.32 0.01
C ILE A 77 13.36 17.44 0.58
N ALA A 78 13.87 18.65 0.75
CA ALA A 78 15.19 18.88 1.35
C ALA A 78 15.29 20.28 1.96
N MET A 79 16.02 20.39 3.07
CA MET A 79 16.56 21.66 3.56
C MET A 79 18.08 21.56 3.52
N ILE A 80 18.70 22.38 2.68
CA ILE A 80 20.13 22.36 2.44
C ILE A 80 20.72 23.58 3.13
N GLU A 81 21.59 23.37 4.11
CA GLU A 81 22.07 24.43 5.01
C GLU A 81 23.58 24.65 4.87
N PHE A 82 24.01 25.91 4.78
CA PHE A 82 25.42 26.29 4.92
C PHE A 82 25.54 27.69 5.53
N ASN A 83 26.62 27.93 6.27
CA ASN A 83 26.83 29.17 7.01
C ASN A 83 28.09 29.86 6.49
N THR A 84 27.92 30.95 5.74
CA THR A 84 29.05 31.62 5.07
C THR A 84 30.04 32.21 6.08
N SER A 85 31.29 32.44 5.66
CA SER A 85 32.34 32.97 6.53
C SER A 85 33.03 34.19 5.92
N SER A 86 33.42 35.14 6.75
CA SER A 86 34.28 36.26 6.36
C SER A 86 35.74 35.83 6.13
N ASP A 87 36.17 34.71 6.71
CA ASP A 87 37.50 34.15 6.53
C ASP A 87 37.61 33.44 5.16
N LYS A 88 38.55 33.90 4.32
CA LYS A 88 38.78 33.39 2.96
C LYS A 88 39.08 31.88 2.92
N THR A 89 39.71 31.33 3.95
CA THR A 89 40.02 29.89 4.03
C THR A 89 38.78 29.07 4.39
N GLU A 90 38.01 29.53 5.39
CA GLU A 90 36.80 28.84 5.85
C GLU A 90 35.64 28.95 4.84
N HIS A 91 35.51 30.09 4.17
CA HIS A 91 34.48 30.29 3.15
C HIS A 91 34.62 29.32 1.97
N ASP A 92 35.80 28.74 1.74
CA ASP A 92 35.99 27.76 0.66
C ASP A 92 35.43 26.36 0.99
N LYS A 93 35.15 26.07 2.27
CA LYS A 93 34.88 24.72 2.77
C LYS A 93 33.40 24.30 2.68
N ILE A 94 33.17 23.00 2.60
CA ILE A 94 31.82 22.43 2.67
C ILE A 94 31.15 22.74 4.02
N GLY A 95 29.85 22.97 4.01
CA GLY A 95 29.09 23.48 5.15
C GLY A 95 29.22 24.99 5.38
N LYS A 96 30.15 25.66 4.69
CA LYS A 96 30.41 27.10 4.86
C LYS A 96 30.16 27.89 3.57
N GLY A 97 30.92 27.64 2.50
CA GLY A 97 30.66 28.27 1.20
C GLY A 97 29.69 27.50 0.31
N PHE A 98 29.53 26.21 0.57
CA PHE A 98 28.72 25.35 -0.27
C PHE A 98 28.25 24.12 0.51
N LYS A 99 27.27 23.42 -0.02
CA LYS A 99 26.70 22.21 0.58
C LYS A 99 26.26 21.26 -0.53
N THR A 100 26.23 19.98 -0.23
CA THR A 100 25.76 18.95 -1.16
C THR A 100 24.60 18.17 -0.54
N TRP A 101 23.69 17.69 -1.37
CA TRP A 101 22.56 16.89 -0.92
C TRP A 101 22.27 15.77 -1.90
N LYS A 102 22.38 14.53 -1.43
CA LYS A 102 22.05 13.32 -2.19
C LYS A 102 20.55 13.32 -2.47
N VAL A 103 20.15 13.37 -3.73
CA VAL A 103 18.73 13.50 -4.12
C VAL A 103 17.92 12.27 -3.71
N SER A 104 16.78 12.48 -3.06
CA SER A 104 15.75 11.47 -2.83
C SER A 104 14.41 12.11 -2.44
N LEU A 105 13.31 11.37 -2.47
CA LEU A 105 12.03 11.74 -1.85
C LEU A 105 11.90 11.21 -0.40
N GLN A 106 13.00 10.81 0.22
CA GLN A 106 12.97 9.98 1.43
C GLN A 106 13.05 10.77 2.75
N GLU A 107 13.50 12.02 2.75
CA GLU A 107 13.84 12.73 3.99
C GLU A 107 12.67 13.42 4.68
N MET A 108 11.66 13.85 3.91
CA MET A 108 10.49 14.57 4.42
C MET A 108 9.26 13.66 4.39
N ALA A 109 8.69 13.40 5.57
CA ALA A 109 7.67 12.37 5.75
C ALA A 109 6.35 12.70 5.02
N GLN A 110 5.97 13.97 4.92
CA GLN A 110 4.70 14.33 4.28
C GLN A 110 4.68 13.89 2.81
N ILE A 111 5.69 14.25 2.02
CA ILE A 111 5.84 13.75 0.64
C ILE A 111 6.05 12.24 0.63
N ARG A 112 6.98 11.72 1.42
CA ARG A 112 7.38 10.30 1.37
C ARG A 112 6.17 9.38 1.53
N ARG A 113 5.34 9.63 2.54
CA ARG A 113 4.17 8.80 2.84
C ARG A 113 3.17 8.75 1.68
N LYS A 114 2.95 9.88 1.01
CA LYS A 114 2.03 9.97 -0.14
C LYS A 114 2.52 9.14 -1.31
N TYR A 115 3.79 9.27 -1.70
CA TYR A 115 4.32 8.49 -2.83
C TYR A 115 4.41 7.00 -2.47
N GLU A 116 4.71 6.67 -1.22
CA GLU A 116 4.73 5.29 -0.73
C GLU A 116 3.34 4.62 -0.60
N LEU A 117 2.24 5.31 -0.88
CA LEU A 117 0.96 4.62 -1.14
C LEU A 117 1.01 3.74 -2.40
N PHE A 118 2.06 3.84 -3.20
CA PHE A 118 2.23 3.11 -4.46
C PHE A 118 3.54 2.35 -4.45
N THR A 119 3.61 1.25 -5.17
CA THR A 119 4.84 0.45 -5.26
C THR A 119 5.78 1.02 -6.30
N TYR A 120 5.22 1.43 -7.44
CA TYR A 120 5.96 2.04 -8.53
C TYR A 120 5.30 3.37 -8.89
N THR A 121 6.11 4.36 -9.24
CA THR A 121 5.61 5.66 -9.69
C THR A 121 6.45 6.14 -10.86
N ARG A 122 5.84 6.85 -11.81
CA ARG A 122 6.54 7.46 -12.94
C ARG A 122 6.01 8.86 -13.08
N PHE A 123 6.87 9.86 -13.08
CA PHE A 123 6.49 11.26 -13.21
C PHE A 123 7.68 12.09 -13.62
N ASP A 124 7.42 13.22 -14.25
CA ASP A 124 8.38 14.31 -14.36
C ASP A 124 8.31 15.15 -13.07
N SER A 125 9.42 15.74 -12.66
CA SER A 125 9.53 16.49 -11.40
C SER A 125 9.68 17.97 -11.69
N GLU A 126 8.77 18.81 -11.22
CA GLU A 126 8.98 20.25 -11.15
C GLU A 126 9.67 20.57 -9.81
N ILE A 127 10.85 21.15 -9.88
CA ILE A 127 11.61 21.59 -8.71
C ILE A 127 11.44 23.09 -8.57
N THR A 128 11.14 23.56 -7.36
CA THR A 128 11.11 24.99 -7.02
C THR A 128 11.99 25.22 -5.80
N ILE A 129 12.79 26.28 -5.79
CA ILE A 129 13.75 26.52 -4.72
C ILE A 129 13.37 27.75 -3.92
N VAL A 130 13.24 27.60 -2.59
CA VAL A 130 13.00 28.70 -1.67
C VAL A 130 14.23 28.91 -0.80
N THR A 131 14.98 29.97 -1.07
CA THR A 131 16.20 30.32 -0.34
C THR A 131 15.89 31.40 0.69
N ALA A 132 16.33 31.19 1.93
CA ALA A 132 16.26 32.18 3.01
C ALA A 132 17.66 32.31 3.63
N ALA A 133 18.30 33.46 3.45
CA ALA A 133 19.66 33.75 3.92
C ALA A 133 19.59 34.65 5.15
N ALA A 134 19.67 34.07 6.35
CA ALA A 134 19.52 34.81 7.60
C ALA A 134 20.78 35.65 7.88
N ALA A 135 20.68 36.97 7.79
CA ALA A 135 21.78 37.89 8.07
C ALA A 135 22.21 37.80 9.54
N GLN A 136 23.47 37.43 9.79
CA GLN A 136 24.07 37.37 11.13
C GLN A 136 24.79 38.66 11.54
N GLY A 137 25.03 39.56 10.59
CA GLY A 137 25.63 40.87 10.80
C GLY A 137 24.72 42.02 10.36
N ASN A 138 25.31 43.20 10.15
CA ASN A 138 24.56 44.43 9.86
C ASN A 138 24.09 44.57 8.41
N ASP A 139 24.52 43.70 7.50
CA ASP A 139 24.14 43.72 6.08
C ASP A 139 24.15 42.31 5.48
N SER A 140 23.34 42.08 4.45
CA SER A 140 23.29 40.81 3.70
C SER A 140 24.51 40.62 2.79
N GLY A 141 25.13 41.70 2.32
CA GLY A 141 26.08 41.66 1.20
C GLY A 141 25.37 41.33 -0.12
N HIS A 142 26.13 40.94 -1.14
CA HIS A 142 25.58 40.46 -2.41
C HIS A 142 25.42 38.94 -2.37
N ILE A 143 24.20 38.45 -2.42
CA ILE A 143 23.93 37.00 -2.35
C ILE A 143 23.62 36.52 -3.76
N VAL A 144 24.54 35.76 -4.34
CA VAL A 144 24.34 35.01 -5.58
C VAL A 144 24.64 33.55 -5.27
N LEU A 145 23.69 32.65 -5.56
CA LEU A 145 23.83 31.22 -5.35
C LEU A 145 23.85 30.50 -6.70
N GLN A 146 24.56 29.39 -6.75
CA GLN A 146 24.52 28.45 -7.86
C GLN A 146 24.07 27.10 -7.33
N PHE A 147 23.01 26.54 -7.90
CA PHE A 147 22.59 25.17 -7.66
C PHE A 147 22.99 24.36 -8.88
N MET A 148 23.80 23.33 -8.69
CA MET A 148 24.29 22.47 -9.75
C MET A 148 23.78 21.06 -9.51
N TYR A 149 23.08 20.47 -10.48
CA TYR A 149 22.76 19.05 -10.42
C TYR A 149 23.94 18.24 -10.93
N VAL A 150 24.48 17.38 -10.08
CA VAL A 150 25.60 16.48 -10.39
C VAL A 150 25.04 15.06 -10.57
N PRO A 151 24.87 14.56 -11.81
CA PRO A 151 24.39 13.21 -12.06
C PRO A 151 25.34 12.17 -11.44
N PRO A 152 24.88 10.91 -11.21
CA PRO A 152 25.74 9.84 -10.73
C PRO A 152 27.01 9.71 -11.59
N GLY A 153 28.17 9.67 -10.94
CA GLY A 153 29.48 9.50 -11.59
C GLY A 153 30.15 10.80 -12.03
N ALA A 154 29.43 11.92 -12.13
CA ALA A 154 30.05 13.22 -12.34
C ALA A 154 30.79 13.67 -11.06
N PRO A 155 31.90 14.43 -11.16
CA PRO A 155 32.69 14.83 -10.00
C PRO A 155 31.92 15.81 -9.11
N VAL A 156 31.78 15.48 -7.84
CA VAL A 156 31.12 16.33 -6.83
C VAL A 156 32.12 17.42 -6.36
N PRO A 157 31.70 18.69 -6.21
CA PRO A 157 32.59 19.75 -5.71
C PRO A 157 33.14 19.43 -4.31
N GLU A 158 34.43 19.68 -4.10
CA GLU A 158 35.08 19.56 -2.78
C GLU A 158 35.42 20.93 -2.15
N LYS A 159 35.32 22.00 -2.95
CA LYS A 159 35.65 23.38 -2.58
C LYS A 159 34.63 24.34 -3.21
N ARG A 160 34.42 25.51 -2.63
CA ARG A 160 33.44 26.48 -3.13
C ARG A 160 33.77 27.01 -4.53
N ASP A 161 35.04 27.09 -4.93
CA ASP A 161 35.45 27.54 -6.27
C ASP A 161 36.29 26.49 -7.04
N ASP A 162 36.02 25.22 -6.75
CA ASP A 162 36.48 24.05 -7.50
C ASP A 162 36.15 24.14 -9.00
N TYR A 163 36.89 23.42 -9.86
CA TYR A 163 36.63 23.43 -11.31
C TYR A 163 35.23 22.90 -11.68
N THR A 164 34.63 22.04 -10.85
CA THR A 164 33.34 21.41 -11.14
C THR A 164 32.21 22.43 -11.30
N TRP A 165 32.29 23.58 -10.61
CA TRP A 165 31.29 24.65 -10.72
C TRP A 165 31.27 25.37 -12.07
N GLN A 166 32.26 25.14 -12.95
CA GLN A 166 32.22 25.65 -14.33
C GLN A 166 30.97 25.18 -15.08
N SER A 167 30.43 24.02 -14.69
CA SER A 167 29.14 23.49 -15.17
C SER A 167 29.09 23.35 -16.70
N GLY A 168 30.20 22.95 -17.32
CA GLY A 168 30.30 22.82 -18.78
C GLY A 168 29.34 21.80 -19.40
N THR A 169 28.85 20.85 -18.59
CA THR A 169 27.89 19.81 -19.02
C THR A 169 26.75 19.61 -18.03
N ASN A 170 26.99 19.71 -16.72
CA ASN A 170 25.93 19.69 -15.70
C ASN A 170 24.92 20.84 -15.89
N ALA A 171 23.66 20.61 -15.51
CA ALA A 171 22.70 21.68 -15.34
C ALA A 171 23.05 22.49 -14.08
N SER A 172 23.17 23.81 -14.21
CA SER A 172 23.18 24.75 -13.09
C SER A 172 22.06 25.76 -13.23
N VAL A 173 21.52 26.22 -12.11
CA VAL A 173 20.64 27.40 -12.06
C VAL A 173 21.19 28.39 -11.05
N PHE A 174 21.21 29.66 -11.42
CA PHE A 174 21.69 30.74 -10.58
C PHE A 174 20.51 31.51 -9.99
N TRP A 175 20.67 31.92 -8.74
CA TRP A 175 19.72 32.75 -8.04
C TRP A 175 20.42 33.91 -7.36
N GLN A 176 19.83 35.08 -7.37
CA GLN A 176 20.34 36.24 -6.64
C GLN A 176 19.23 36.86 -5.80
N GLU A 177 19.58 37.54 -4.71
CA GLU A 177 18.57 38.15 -3.83
C GLU A 177 17.57 39.01 -4.64
N GLY A 178 16.28 38.89 -4.31
CA GLY A 178 15.18 39.57 -5.02
C GLY A 178 14.70 38.87 -6.28
N GLN A 179 15.45 37.90 -6.83
CA GLN A 179 14.97 37.08 -7.95
C GLN A 179 13.83 36.16 -7.48
N PRO A 180 12.76 35.98 -8.25
CA PRO A 180 11.74 34.97 -7.97
C PRO A 180 12.31 33.58 -7.75
N TYR A 181 11.58 32.73 -7.05
CA TYR A 181 11.96 31.36 -6.72
C TYR A 181 12.39 30.59 -7.99
N PRO A 182 13.63 30.07 -8.08
CA PRO A 182 14.06 29.26 -9.21
C PRO A 182 13.12 28.09 -9.43
N ARG A 183 12.85 27.75 -10.69
CA ARG A 183 12.07 26.57 -11.06
C ARG A 183 12.57 25.94 -12.35
N PHE A 184 12.62 24.62 -12.37
CA PHE A 184 12.97 23.83 -13.55
C PHE A 184 12.31 22.45 -13.47
N THR A 185 12.17 21.78 -14.60
CA THR A 185 11.68 20.40 -14.65
C THR A 185 12.86 19.43 -14.78
N ILE A 186 12.82 18.33 -14.04
CA ILE A 186 13.62 17.13 -14.29
C ILE A 186 12.66 16.11 -14.94
N PRO A 187 12.94 15.63 -16.15
CA PRO A 187 12.10 14.59 -16.76
C PRO A 187 12.24 13.28 -15.97
N PHE A 188 11.31 12.35 -16.12
CA PHE A 188 11.40 11.03 -15.51
C PHE A 188 12.74 10.38 -15.87
N MET A 189 13.65 10.18 -14.92
CA MET A 189 15.07 9.94 -15.25
C MET A 189 15.63 8.58 -14.82
N SER A 190 14.78 7.65 -14.36
CA SER A 190 15.24 6.30 -14.03
C SER A 190 15.79 5.55 -15.25
N ILE A 191 16.72 4.63 -15.02
CA ILE A 191 17.13 3.61 -16.00
C ILE A 191 16.05 2.53 -16.21
N ALA A 192 15.10 2.40 -15.27
CA ALA A 192 13.92 1.55 -15.36
C ALA A 192 12.70 2.33 -15.89
N SER A 193 11.57 1.66 -16.11
CA SER A 193 10.35 2.30 -16.64
C SER A 193 9.52 3.05 -15.60
N ALA A 194 9.80 2.85 -14.31
CA ALA A 194 9.20 3.55 -13.19
C ALA A 194 10.22 3.64 -12.03
N TYR A 195 10.04 4.59 -11.11
CA TYR A 195 10.75 4.59 -9.84
C TYR A 195 10.19 3.50 -8.93
N TYR A 196 11.08 2.79 -8.24
CA TYR A 196 10.70 1.88 -7.16
C TYR A 196 10.50 2.66 -5.87
N MET A 197 9.28 2.76 -5.36
CA MET A 197 9.07 3.22 -3.97
C MET A 197 9.57 2.18 -2.96
N PHE A 198 9.50 0.90 -3.34
CA PHE A 198 9.95 -0.25 -2.56
C PHE A 198 10.63 -1.24 -3.51
N TYR A 199 11.58 -2.00 -3.00
CA TYR A 199 12.29 -2.99 -3.81
C TYR A 199 12.71 -4.15 -2.92
N ASP A 200 12.08 -5.31 -3.08
CA ASP A 200 12.42 -6.48 -2.27
C ASP A 200 13.61 -7.22 -2.88
N GLY A 201 14.75 -6.53 -2.96
CA GLY A 201 15.95 -7.02 -3.64
C GLY A 201 17.23 -6.33 -3.18
N TYR A 202 18.34 -6.83 -3.70
CA TYR A 202 19.69 -6.52 -3.26
C TYR A 202 20.60 -6.13 -4.43
N ASP A 203 21.68 -5.40 -4.16
CA ASP A 203 22.74 -5.14 -5.14
C ASP A 203 23.76 -6.30 -5.30
N GLY A 204 23.62 -7.36 -4.51
CA GLY A 204 24.54 -8.50 -4.47
C GLY A 204 23.99 -9.72 -3.71
N ASP A 205 24.79 -10.78 -3.62
CA ASP A 205 24.43 -12.06 -2.97
C ASP A 205 24.90 -12.17 -1.51
N SER A 206 25.67 -11.20 -1.01
CA SER A 206 26.45 -11.29 0.23
C SER A 206 25.75 -10.69 1.46
N ALA A 207 26.28 -10.99 2.65
CA ALA A 207 25.84 -10.39 3.92
C ALA A 207 25.93 -8.85 3.92
N ALA A 208 26.96 -8.28 3.31
CA ALA A 208 27.18 -6.83 3.19
C ALA A 208 26.36 -6.13 2.08
N SER A 209 25.66 -6.87 1.21
CA SER A 209 24.91 -6.30 0.08
C SER A 209 23.77 -5.37 0.56
N LYS A 210 23.55 -4.24 -0.12
CA LYS A 210 22.47 -3.30 0.21
C LYS A 210 21.12 -3.91 -0.15
N TYR A 211 20.07 -3.54 0.58
CA TYR A 211 18.69 -4.01 0.38
C TYR A 211 17.75 -2.84 0.18
N GLY A 212 16.71 -3.00 -0.63
CA GLY A 212 15.66 -1.98 -0.75
C GLY A 212 15.87 -0.97 -1.88
N SER A 213 14.97 0.01 -1.94
CA SER A 213 14.86 0.93 -3.08
C SER A 213 16.13 1.72 -3.40
N VAL A 214 17.06 1.90 -2.43
CA VAL A 214 18.35 2.60 -2.66
C VAL A 214 19.20 1.95 -3.76
N VAL A 215 19.02 0.64 -3.96
CA VAL A 215 19.74 -0.15 -4.99
C VAL A 215 19.37 0.28 -6.41
N THR A 216 18.13 0.71 -6.61
CA THR A 216 17.47 0.62 -7.93
C THR A 216 17.86 1.73 -8.91
N ASN A 217 18.17 2.92 -8.42
CA ASN A 217 18.51 4.08 -9.24
C ASN A 217 19.15 5.16 -8.36
N ASP A 218 20.46 5.38 -8.46
CA ASP A 218 21.10 6.57 -7.89
C ASP A 218 20.58 7.83 -8.59
N MET A 219 20.15 8.83 -7.81
CA MET A 219 19.46 10.02 -8.33
C MET A 219 20.38 11.24 -8.43
N GLY A 220 21.68 11.08 -8.18
CA GLY A 220 22.65 12.19 -8.20
C GLY A 220 22.55 13.10 -6.97
N THR A 221 23.19 14.26 -7.07
CA THR A 221 23.40 15.18 -5.94
C THR A 221 23.09 16.61 -6.37
N ILE A 222 22.36 17.38 -5.57
CA ILE A 222 22.28 18.85 -5.74
C ILE A 222 23.44 19.45 -4.95
N CYS A 223 24.27 20.23 -5.61
CA CYS A 223 25.33 21.00 -4.96
C CYS A 223 24.94 22.47 -5.01
N VAL A 224 24.94 23.17 -3.88
CA VAL A 224 24.69 24.61 -3.82
C VAL A 224 25.90 25.33 -3.28
N ARG A 225 26.31 26.43 -3.90
CA ARG A 225 27.32 27.34 -3.35
C ARG A 225 26.81 28.76 -3.33
N ILE A 226 27.35 29.58 -2.45
CA ILE A 226 27.39 31.02 -2.70
C ILE A 226 28.50 31.30 -3.71
N VAL A 227 28.13 31.91 -4.84
CA VAL A 227 29.07 32.31 -5.90
C VAL A 227 29.93 33.48 -5.43
N THR A 228 29.36 34.37 -4.62
CA THR A 228 30.08 35.51 -4.04
C THR A 228 31.26 35.03 -3.18
N SER A 229 32.43 35.62 -3.37
CA SER A 229 33.60 35.39 -2.51
C SER A 229 33.34 35.85 -1.07
N ASN A 230 34.29 35.66 -0.15
CA ASN A 230 34.08 35.96 1.26
C ASN A 230 33.70 37.44 1.49
N GLN A 231 32.73 37.67 2.36
CA GLN A 231 32.15 38.99 2.66
C GLN A 231 32.20 39.29 4.16
N LYS A 232 32.12 40.56 4.55
CA LYS A 232 32.27 40.98 5.95
C LYS A 232 31.26 40.33 6.91
N HIS A 233 29.99 40.22 6.51
CA HIS A 233 28.91 39.76 7.39
C HIS A 233 28.36 38.37 7.00
N ASP A 234 28.40 37.43 7.94
CA ASP A 234 28.00 36.05 7.71
C ASP A 234 26.49 35.89 7.46
N SER A 235 26.13 34.83 6.73
CA SER A 235 24.75 34.46 6.45
C SER A 235 24.53 32.98 6.75
N ASN A 236 23.47 32.65 7.48
CA ASN A 236 23.03 31.27 7.66
C ASN A 236 22.01 30.97 6.56
N ILE A 237 22.47 30.35 5.48
CA ILE A 237 21.69 30.10 4.28
C ILE A 237 20.99 28.76 4.42
N VAL A 238 19.68 28.75 4.17
CA VAL A 238 18.89 27.53 4.03
C VAL A 238 18.17 27.57 2.70
N CYS A 239 18.43 26.59 1.84
CA CYS A 239 17.73 26.40 0.58
C CYS A 239 16.76 25.23 0.76
N ARG A 240 15.47 25.50 0.61
CA ARG A 240 14.42 24.49 0.67
C ARG A 240 14.08 24.08 -0.75
N ILE A 241 14.14 22.79 -1.02
CA ILE A 241 13.85 22.22 -2.32
C ILE A 241 12.43 21.67 -2.27
N TYR A 242 11.55 22.20 -3.12
CA TYR A 242 10.17 21.76 -3.25
C TYR A 242 10.03 20.96 -4.53
N HIS A 243 9.29 19.86 -4.46
CA HIS A 243 9.07 18.95 -5.57
C HIS A 243 7.59 18.77 -5.84
N LYS A 244 7.16 18.96 -7.09
CA LYS A 244 5.84 18.59 -7.60
C LYS A 244 5.99 17.55 -8.70
N ALA A 245 5.37 16.39 -8.55
CA ALA A 245 5.26 15.45 -9.65
C ALA A 245 4.28 15.96 -10.72
N LYS A 246 4.54 15.65 -11.98
CA LYS A 246 3.70 15.95 -13.15
C LYS A 246 3.66 14.74 -14.07
N HIS A 247 2.61 14.62 -14.88
CA HIS A 247 2.50 13.55 -15.89
C HIS A 247 2.56 12.17 -15.22
N ILE A 248 1.85 12.06 -14.11
CA ILE A 248 2.05 11.02 -13.11
C ILE A 248 1.35 9.72 -13.51
N LYS A 249 2.05 8.60 -13.35
CA LYS A 249 1.48 7.26 -13.31
C LYS A 249 1.93 6.57 -12.03
N ALA A 250 1.05 5.76 -11.45
CA ALA A 250 1.32 5.06 -10.21
C ALA A 250 0.72 3.65 -10.28
N TRP A 251 1.40 2.67 -9.71
CA TRP A 251 1.00 1.26 -9.77
C TRP A 251 1.09 0.55 -8.43
N CYS A 252 0.22 -0.44 -8.25
CA CYS A 252 0.23 -1.38 -7.13
C CYS A 252 0.10 -0.64 -5.79
N PRO A 253 -1.12 -0.27 -5.41
CA PRO A 253 -1.36 0.49 -4.20
C PRO A 253 -0.98 -0.32 -2.96
N ARG A 254 -0.58 0.38 -1.92
CA ARG A 254 -0.02 -0.20 -0.70
C ARG A 254 -0.74 0.39 0.51
N PRO A 255 -0.80 -0.34 1.63
CA PRO A 255 -1.15 0.25 2.92
C PRO A 255 -0.29 1.48 3.20
N PRO A 256 -0.84 2.57 3.75
CA PRO A 256 -0.04 3.72 4.13
C PRO A 256 0.87 3.39 5.31
N ARG A 257 1.99 4.09 5.41
CA ARG A 257 2.88 4.04 6.57
C ARG A 257 2.07 4.29 7.85
N ALA A 258 2.08 3.35 8.79
CA ALA A 258 1.26 3.41 10.01
C ALA A 258 2.03 3.85 11.27
N VAL A 259 3.35 4.00 11.15
CA VAL A 259 4.29 4.22 12.25
C VAL A 259 5.41 5.14 11.77
N ALA A 260 6.09 5.87 12.65
CA ALA A 260 7.10 6.84 12.23
C ALA A 260 8.17 6.23 11.31
N TYR A 261 8.63 6.99 10.32
CA TYR A 261 9.86 6.64 9.59
C TYR A 261 11.07 6.77 10.52
N GLN A 262 12.06 5.92 10.31
CA GLN A 262 13.31 5.92 11.10
C GLN A 262 14.52 6.29 10.23
N HIS A 263 14.57 5.81 8.99
CA HIS A 263 15.72 5.98 8.08
C HIS A 263 15.28 6.10 6.62
N THR A 264 16.09 6.73 5.79
CA THR A 264 15.85 6.85 4.33
C THR A 264 15.99 5.50 3.62
N HIS A 265 15.21 5.27 2.56
CA HIS A 265 15.16 4.04 1.76
C HIS A 265 14.92 2.73 2.55
N SER A 266 14.44 2.81 3.78
CA SER A 266 14.27 1.67 4.67
C SER A 266 12.85 1.65 5.23
N THR A 267 12.24 0.47 5.27
CA THR A 267 10.95 0.24 5.93
C THR A 267 11.11 0.02 7.44
N ASN A 268 12.33 0.00 7.97
CA ASN A 268 12.59 -0.14 9.41
C ASN A 268 11.73 0.82 10.23
N TYR A 269 11.24 0.37 11.38
CA TYR A 269 10.29 1.12 12.19
C TYR A 269 10.55 1.06 13.69
N ILE A 270 11.46 0.21 14.15
CA ILE A 270 11.77 0.08 15.58
C ILE A 270 12.62 1.27 16.02
N PRO A 271 12.17 2.09 17.00
CA PRO A 271 12.92 3.25 17.47
C PRO A 271 14.11 2.82 18.34
N SER A 272 15.02 3.76 18.61
CA SER A 272 16.16 3.55 19.52
C SER A 272 15.77 3.44 21.00
N ASN A 273 14.63 4.02 21.40
CA ASN A 273 14.21 4.15 22.80
C ASN A 273 13.83 2.78 23.43
N GLY A 274 14.28 2.54 24.68
CA GLY A 274 14.04 1.29 25.41
C GLY A 274 12.72 1.23 26.20
N GLU A 275 12.16 2.38 26.58
CA GLU A 275 10.84 2.48 27.24
C GLU A 275 9.71 2.60 26.21
N ALA A 276 9.90 3.43 25.18
CA ALA A 276 8.93 3.65 24.11
C ALA A 276 9.16 2.75 22.89
N THR A 277 8.23 1.85 22.61
CA THR A 277 8.15 1.05 21.37
C THR A 277 7.58 1.86 20.19
N THR A 278 7.55 1.27 18.99
CA THR A 278 6.97 1.91 17.80
C THR A 278 5.49 2.29 18.00
N GLN A 279 5.09 3.52 17.68
CA GLN A 279 3.74 4.06 17.94
C GLN A 279 2.88 4.15 16.68
N ILE A 280 1.66 3.62 16.75
CA ILE A 280 0.59 3.76 15.74
C ILE A 280 -0.36 4.92 16.09
N LYS A 281 -1.21 5.30 15.14
CA LYS A 281 -2.32 6.26 15.38
C LYS A 281 -3.69 5.61 15.69
N THR A 282 -3.73 4.31 15.97
CA THR A 282 -4.94 3.64 16.51
C THR A 282 -5.10 4.04 17.97
N ARG A 283 -6.16 4.78 18.32
CA ARG A 283 -6.42 5.17 19.73
C ARG A 283 -7.10 4.01 20.47
N PRO A 284 -6.70 3.63 21.68
CA PRO A 284 -7.45 2.69 22.51
C PRO A 284 -8.84 3.22 22.94
N ASP A 285 -9.77 2.34 23.32
CA ASP A 285 -11.01 2.71 24.06
C ASP A 285 -11.38 1.73 25.18
N SER B 1 -20.54 -26.40 -11.08
CA SER B 1 -20.53 -26.03 -9.65
C SER B 1 -19.39 -25.06 -9.35
N ASP B 2 -19.71 -23.88 -8.81
CA ASP B 2 -18.73 -22.83 -8.51
C ASP B 2 -17.79 -23.17 -7.33
N ARG B 3 -18.12 -24.21 -6.55
CA ARG B 3 -17.28 -24.71 -5.44
C ARG B 3 -16.00 -25.40 -5.94
N LEU B 4 -16.07 -26.05 -7.10
CA LEU B 4 -15.01 -26.91 -7.64
C LEU B 4 -13.96 -26.09 -8.39
N ILE B 5 -12.71 -26.55 -8.35
CA ILE B 5 -11.70 -26.15 -9.33
C ILE B 5 -10.81 -27.34 -9.68
N GLN B 6 -10.39 -27.37 -10.94
CA GLN B 6 -9.23 -28.14 -11.35
C GLN B 6 -8.31 -27.20 -12.12
N ILE B 7 -7.03 -27.19 -11.75
CA ILE B 7 -6.00 -26.46 -12.48
C ILE B 7 -4.97 -27.47 -12.98
N THR B 8 -4.76 -27.55 -14.28
CA THR B 8 -3.74 -28.41 -14.88
C THR B 8 -2.63 -27.53 -15.47
N ARG B 9 -1.40 -27.75 -15.03
CA ARG B 9 -0.19 -27.02 -15.42
C ARG B 9 0.89 -28.04 -15.75
N GLY B 10 1.29 -28.17 -17.02
CA GLY B 10 2.22 -29.23 -17.42
C GLY B 10 1.70 -30.62 -17.06
N ASP B 11 2.52 -31.45 -16.42
CA ASP B 11 2.11 -32.80 -15.95
C ASP B 11 1.50 -32.79 -14.54
N SER B 12 1.22 -31.61 -13.97
CA SER B 12 0.69 -31.47 -12.62
C SER B 12 -0.77 -31.00 -12.65
N THR B 13 -1.60 -31.56 -11.79
CA THR B 13 -2.99 -31.15 -11.64
C THR B 13 -3.32 -30.98 -10.16
N ILE B 14 -4.01 -29.89 -9.85
CA ILE B 14 -4.53 -29.61 -8.51
C ILE B 14 -6.05 -29.57 -8.59
N THR B 15 -6.70 -30.10 -7.56
CA THR B 15 -8.16 -30.03 -7.39
C THR B 15 -8.50 -29.42 -6.04
N SER B 16 -9.64 -28.74 -5.96
CA SER B 16 -10.30 -28.40 -4.69
C SER B 16 -11.81 -28.49 -4.87
N GLN B 17 -12.53 -28.94 -3.85
CA GLN B 17 -13.98 -29.04 -3.87
C GLN B 17 -14.69 -27.97 -3.02
N ASP B 18 -13.94 -27.05 -2.42
CA ASP B 18 -14.44 -25.96 -1.57
C ASP B 18 -13.55 -24.72 -1.77
N THR B 19 -13.55 -24.17 -2.97
CA THR B 19 -12.90 -22.89 -3.28
C THR B 19 -13.82 -21.70 -2.95
N ALA B 20 -13.24 -20.50 -2.97
CA ALA B 20 -13.98 -19.24 -3.02
C ALA B 20 -13.53 -18.45 -4.26
N ASN B 21 -13.88 -18.93 -5.46
CA ASN B 21 -13.39 -18.38 -6.74
C ASN B 21 -11.84 -18.39 -6.81
N ALA B 22 -11.23 -17.62 -7.70
CA ALA B 22 -9.79 -17.34 -7.70
C ALA B 22 -9.57 -15.84 -7.97
N VAL B 23 -8.45 -15.29 -7.50
CA VAL B 23 -8.10 -13.88 -7.76
C VAL B 23 -7.02 -13.82 -8.81
N VAL B 24 -7.27 -13.11 -9.90
CA VAL B 24 -6.23 -12.70 -10.83
C VAL B 24 -5.73 -11.33 -10.36
N ALA B 25 -4.50 -11.27 -9.85
CA ALA B 25 -3.96 -10.05 -9.27
C ALA B 25 -4.03 -8.89 -10.28
N TYR B 26 -4.60 -7.77 -9.87
CA TYR B 26 -4.78 -6.59 -10.71
C TYR B 26 -5.59 -6.82 -12.01
N GLY B 27 -6.32 -7.94 -12.12
CA GLY B 27 -7.13 -8.27 -13.30
C GLY B 27 -6.32 -8.62 -14.55
N VAL B 28 -5.00 -8.84 -14.43
CA VAL B 28 -4.13 -9.13 -15.58
C VAL B 28 -3.67 -10.58 -15.56
N TRP B 29 -4.00 -11.34 -16.59
CA TRP B 29 -3.50 -12.70 -16.73
C TRP B 29 -2.00 -12.68 -17.11
N PRO B 30 -1.17 -13.58 -16.58
CA PRO B 30 0.22 -13.74 -17.00
C PRO B 30 0.36 -13.94 -18.53
N SER B 31 1.46 -13.47 -19.10
CA SER B 31 1.80 -13.68 -20.52
C SER B 31 3.30 -13.50 -20.76
N TYR B 32 3.79 -13.95 -21.91
CA TYR B 32 5.19 -13.70 -22.31
C TYR B 32 5.44 -12.21 -22.61
N LEU B 33 6.69 -11.77 -22.42
CA LEU B 33 7.11 -10.41 -22.73
C LEU B 33 7.00 -10.12 -24.23
N THR B 34 6.40 -8.98 -24.59
CA THR B 34 6.26 -8.54 -25.99
C THR B 34 7.47 -7.71 -26.45
N PRO B 35 7.77 -7.66 -27.77
CA PRO B 35 8.91 -6.91 -28.31
C PRO B 35 8.87 -5.40 -27.99
N ASP B 36 7.68 -4.84 -27.80
CA ASP B 36 7.51 -3.41 -27.49
C ASP B 36 8.11 -3.06 -26.12
N ASP B 37 7.98 -3.93 -25.12
CA ASP B 37 8.46 -3.70 -23.76
C ASP B 37 9.83 -4.32 -23.47
N ALA B 38 10.31 -5.26 -24.28
CA ALA B 38 11.60 -5.90 -24.10
C ALA B 38 12.79 -4.94 -24.23
N THR B 39 13.89 -5.25 -23.53
CA THR B 39 15.18 -4.55 -23.68
C THR B 39 16.35 -5.50 -23.94
N ALA B 40 16.40 -6.66 -23.27
CA ALA B 40 17.43 -7.66 -23.50
C ALA B 40 17.22 -8.35 -24.87
N ILE B 41 18.20 -8.24 -25.77
CA ILE B 41 18.03 -8.60 -27.20
C ILE B 41 18.22 -10.08 -27.51
N ASP B 42 18.76 -10.86 -26.59
CA ASP B 42 18.94 -12.30 -26.78
C ASP B 42 17.58 -13.01 -26.83
N LYS B 43 17.42 -14.01 -27.69
CA LYS B 43 16.19 -14.82 -27.74
C LYS B 43 16.01 -15.53 -26.39
N PRO B 44 14.89 -15.36 -25.66
CA PRO B 44 14.71 -16.01 -24.37
C PRO B 44 14.44 -17.50 -24.55
N THR B 45 14.79 -18.31 -23.55
CA THR B 45 14.30 -19.69 -23.50
C THR B 45 12.97 -19.72 -22.76
N GLN B 46 12.01 -20.44 -23.31
CA GLN B 46 10.65 -20.60 -22.78
C GLN B 46 10.46 -22.10 -22.48
N PRO B 47 10.90 -22.58 -21.31
CA PRO B 47 10.93 -24.01 -21.00
C PRO B 47 9.55 -24.67 -20.87
N ASP B 48 8.47 -23.88 -20.89
CA ASP B 48 7.10 -24.36 -21.06
C ASP B 48 6.74 -25.43 -20.01
N THR B 49 6.23 -26.60 -20.41
CA THR B 49 5.65 -27.61 -19.52
C THR B 49 6.61 -28.12 -18.44
N SER B 50 7.91 -28.22 -18.70
CA SER B 50 8.87 -28.69 -17.69
C SER B 50 9.09 -27.68 -16.55
N SER B 51 8.78 -26.40 -16.78
CA SER B 51 8.98 -25.31 -15.82
C SER B 51 7.66 -24.78 -15.24
N ASN B 52 6.66 -24.57 -16.10
CA ASN B 52 5.33 -24.04 -15.77
C ASN B 52 4.41 -25.16 -15.25
N ARG B 53 4.72 -25.65 -14.05
CA ARG B 53 4.02 -26.75 -13.38
C ARG B 53 4.00 -26.51 -11.87
N PHE B 54 3.05 -27.09 -11.15
CA PHE B 54 2.99 -26.94 -9.70
C PHE B 54 4.17 -27.63 -9.01
N TYR B 55 4.85 -26.88 -8.14
CA TYR B 55 5.77 -27.38 -7.14
C TYR B 55 5.14 -27.18 -5.75
N THR B 56 5.03 -28.23 -4.96
CA THR B 56 4.50 -28.14 -3.60
C THR B 56 5.65 -27.87 -2.63
N LEU B 57 5.54 -26.76 -1.91
CA LEU B 57 6.54 -26.32 -0.93
C LEU B 57 6.43 -27.17 0.36
N ASP B 58 7.37 -27.01 1.29
CA ASP B 58 7.31 -27.71 2.58
C ASP B 58 6.07 -27.26 3.38
N SER B 59 5.25 -28.20 3.84
CA SER B 59 4.01 -27.91 4.58
C SER B 59 4.30 -27.38 5.99
N ARG B 60 3.40 -26.55 6.52
CA ARG B 60 3.53 -25.96 7.86
C ARG B 60 2.31 -26.27 8.71
N SER B 61 2.45 -26.34 10.03
CA SER B 61 1.33 -26.68 10.92
C SER B 61 0.71 -25.40 11.48
N TRP B 62 -0.57 -25.18 11.22
CA TRP B 62 -1.36 -24.16 11.90
C TRP B 62 -1.80 -24.68 13.26
N THR B 63 -1.39 -24.00 14.33
CA THR B 63 -1.79 -24.26 15.71
C THR B 63 -2.52 -23.03 16.28
N SER B 64 -3.17 -23.17 17.43
CA SER B 64 -3.77 -22.03 18.14
C SER B 64 -2.76 -20.92 18.49
N ALA B 65 -1.45 -21.22 18.52
CA ALA B 65 -0.37 -20.28 18.80
C ALA B 65 0.26 -19.61 17.55
N SER B 66 -0.02 -20.09 16.33
CA SER B 66 0.67 -19.58 15.12
C SER B 66 0.44 -18.08 14.88
N SER B 67 1.47 -17.38 14.41
CA SER B 67 1.43 -15.92 14.15
C SER B 67 1.42 -15.58 12.65
N GLY B 68 1.87 -16.51 11.80
CA GLY B 68 1.86 -16.38 10.35
C GLY B 68 3.07 -17.02 9.69
N TRP B 69 3.09 -16.95 8.37
CA TRP B 69 4.15 -17.50 7.53
C TRP B 69 4.33 -16.62 6.30
N TRP B 70 5.52 -16.63 5.73
CA TRP B 70 5.71 -16.04 4.41
C TRP B 70 6.75 -16.77 3.58
N TRP B 71 6.62 -16.61 2.27
CA TRP B 71 7.56 -17.08 1.26
C TRP B 71 7.84 -15.93 0.30
N LYS B 72 9.00 -15.94 -0.33
CA LYS B 72 9.34 -14.99 -1.39
C LYS B 72 9.36 -15.70 -2.74
N LEU B 73 8.94 -15.04 -3.81
CA LEU B 73 9.07 -15.54 -5.17
C LEU B 73 9.98 -14.62 -5.99
N PRO B 74 10.88 -15.17 -6.83
CA PRO B 74 11.01 -16.59 -7.17
C PRO B 74 11.77 -17.46 -6.15
N ASP B 75 12.32 -16.89 -5.07
CA ASP B 75 13.18 -17.60 -4.10
C ASP B 75 12.65 -18.97 -3.63
N ALA B 76 11.36 -19.07 -3.31
CA ALA B 76 10.75 -20.32 -2.84
C ALA B 76 10.88 -21.47 -3.82
N LEU B 77 11.08 -21.18 -5.11
CA LEU B 77 11.20 -22.16 -6.19
C LEU B 77 12.64 -22.36 -6.68
N LYS B 78 13.64 -21.74 -6.04
CA LYS B 78 15.03 -21.79 -6.56
C LYS B 78 15.61 -23.21 -6.61
N ASN B 79 15.14 -24.12 -5.75
CA ASN B 79 15.54 -25.54 -5.75
C ASN B 79 14.54 -26.45 -6.50
N MET B 80 13.52 -25.89 -7.14
CA MET B 80 12.39 -26.64 -7.68
C MET B 80 12.58 -26.98 -9.16
N GLY B 81 13.06 -28.19 -9.43
CA GLY B 81 13.11 -28.77 -10.76
C GLY B 81 13.78 -27.85 -11.80
N ILE B 82 13.26 -27.92 -13.03
CA ILE B 82 13.79 -27.16 -14.17
C ILE B 82 13.57 -25.65 -14.01
N PHE B 83 12.52 -25.19 -13.33
CA PHE B 83 12.37 -23.75 -13.04
C PHE B 83 13.55 -23.26 -12.20
N GLY B 84 13.87 -23.97 -11.11
CA GLY B 84 15.00 -23.66 -10.25
C GLY B 84 16.33 -23.68 -11.00
N GLU B 85 16.61 -24.72 -11.80
CA GLU B 85 17.84 -24.74 -12.61
C GLU B 85 17.92 -23.52 -13.54
N ASN B 86 16.84 -23.18 -14.25
CA ASN B 86 16.84 -22.02 -15.14
C ASN B 86 17.15 -20.71 -14.40
N MET B 87 16.65 -20.53 -13.16
CA MET B 87 17.02 -19.36 -12.35
C MET B 87 18.53 -19.27 -12.07
N PHE B 88 19.18 -20.41 -11.82
CA PHE B 88 20.60 -20.44 -11.50
C PHE B 88 21.52 -20.32 -12.73
N TYR B 89 21.09 -20.77 -13.91
CA TYR B 89 21.88 -20.71 -15.15
C TYR B 89 21.70 -19.43 -15.98
N HIS B 90 20.71 -18.58 -15.68
CA HIS B 90 20.44 -17.37 -16.46
C HIS B 90 20.60 -16.09 -15.66
N PHE B 91 21.12 -15.05 -16.29
CA PHE B 91 21.21 -13.74 -15.69
C PHE B 91 19.81 -13.17 -15.41
N LEU B 92 18.89 -13.31 -16.37
CA LEU B 92 17.54 -12.73 -16.30
C LEU B 92 16.46 -13.81 -16.34
N GLY B 93 15.37 -13.55 -15.63
CA GLY B 93 14.15 -14.32 -15.77
C GLY B 93 12.92 -13.44 -15.54
N ARG B 94 11.77 -13.93 -16.02
CA ARG B 94 10.47 -13.37 -15.66
C ARG B 94 9.47 -14.52 -15.58
N SER B 95 8.55 -14.45 -14.65
CA SER B 95 7.45 -15.42 -14.56
C SER B 95 6.24 -14.78 -13.89
N GLY B 96 5.05 -15.25 -14.23
CA GLY B 96 3.87 -15.16 -13.38
C GLY B 96 3.77 -16.41 -12.51
N TYR B 97 2.74 -16.50 -11.69
CA TYR B 97 2.55 -17.66 -10.83
C TYR B 97 1.06 -17.98 -10.68
N THR B 98 0.74 -19.26 -10.50
CA THR B 98 -0.49 -19.66 -9.80
C THR B 98 -0.06 -20.14 -8.42
N ILE B 99 -0.56 -19.51 -7.36
CA ILE B 99 -0.36 -19.94 -5.99
C ILE B 99 -1.67 -20.60 -5.55
N HIS B 100 -1.60 -21.84 -5.09
CA HIS B 100 -2.73 -22.54 -4.49
C HIS B 100 -2.36 -22.89 -3.05
N VAL B 101 -3.07 -22.30 -2.09
CA VAL B 101 -2.86 -22.54 -0.66
C VAL B 101 -3.95 -23.48 -0.20
N GLN B 102 -3.57 -24.54 0.49
CA GLN B 102 -4.43 -25.67 0.85
C GLN B 102 -4.48 -25.80 2.36
N CYS B 103 -5.68 -25.82 2.93
CA CYS B 103 -5.88 -25.96 4.37
C CYS B 103 -7.30 -26.49 4.62
N ASN B 104 -7.45 -27.82 4.60
CA ASN B 104 -8.72 -28.47 4.96
C ASN B 104 -8.86 -28.61 6.47
N SER B 105 -10.11 -28.68 6.92
CA SER B 105 -10.49 -28.91 8.31
C SER B 105 -11.90 -29.53 8.32
N SER B 106 -12.56 -29.54 9.47
CA SER B 106 -13.94 -30.04 9.59
C SER B 106 -14.99 -28.91 9.60
N LYS B 107 -16.28 -29.29 9.58
CA LYS B 107 -17.42 -28.39 9.87
C LYS B 107 -17.42 -27.83 11.32
N PHE B 108 -16.50 -28.30 12.17
CA PHE B 108 -16.41 -28.01 13.60
C PHE B 108 -15.15 -27.23 13.98
N HIS B 109 -14.19 -27.04 13.07
CA HIS B 109 -13.06 -26.13 13.25
C HIS B 109 -13.46 -24.68 12.93
N GLN B 110 -12.78 -23.73 13.55
CA GLN B 110 -12.90 -22.30 13.29
C GLN B 110 -11.52 -21.71 12.99
N GLY B 111 -11.43 -20.75 12.10
CA GLY B 111 -10.20 -20.00 11.89
C GLY B 111 -10.27 -19.18 10.61
N LEU B 112 -9.48 -18.12 10.54
CA LEU B 112 -9.38 -17.28 9.37
C LEU B 112 -7.93 -16.99 9.06
N LEU B 113 -7.47 -17.37 7.87
CA LEU B 113 -6.21 -16.91 7.28
C LEU B 113 -6.50 -15.81 6.27
N ILE B 114 -5.75 -14.72 6.26
CA ILE B 114 -5.59 -13.95 5.03
C ILE B 114 -4.39 -14.52 4.27
N VAL B 115 -4.56 -14.66 2.96
CA VAL B 115 -3.52 -15.12 2.04
C VAL B 115 -3.32 -13.99 1.05
N ALA B 116 -2.19 -13.29 1.11
CA ALA B 116 -1.93 -12.11 0.29
C ALA B 116 -0.64 -12.27 -0.51
N ALA B 117 -0.64 -11.80 -1.75
CA ALA B 117 0.57 -11.66 -2.55
C ALA B 117 0.95 -10.18 -2.59
N ILE B 118 2.12 -9.83 -2.07
CA ILE B 118 2.58 -8.44 -1.95
C ILE B 118 3.70 -8.20 -2.98
N PRO B 119 3.57 -7.24 -3.91
CA PRO B 119 4.69 -6.88 -4.79
C PRO B 119 5.71 -6.05 -4.01
N GLU B 120 7.00 -6.27 -4.22
CA GLU B 120 8.07 -5.50 -3.55
C GLU B 120 7.88 -5.41 -2.04
N HIS B 121 7.71 -6.55 -1.38
CA HIS B 121 7.54 -6.62 0.06
C HIS B 121 8.87 -6.39 0.78
N GLN B 122 9.33 -5.15 0.77
CA GLN B 122 10.59 -4.75 1.39
C GLN B 122 10.47 -4.78 2.92
N LEU B 123 11.11 -5.75 3.55
CA LEU B 123 10.94 -6.03 4.97
C LEU B 123 11.67 -5.03 5.87
N ALA B 124 11.10 -4.78 7.05
CA ALA B 124 11.77 -4.08 8.14
C ALA B 124 12.68 -5.04 8.92
N SER B 125 13.74 -4.52 9.53
CA SER B 125 14.55 -5.22 10.52
C SER B 125 13.77 -5.46 11.83
N ALA B 126 14.08 -6.53 12.55
CA ALA B 126 13.59 -6.76 13.93
C ALA B 126 14.33 -5.92 14.99
N THR B 127 15.31 -5.11 14.58
CA THR B 127 16.20 -4.35 15.47
C THR B 127 16.09 -2.85 15.17
N SER B 128 16.36 -2.01 16.16
CA SER B 128 16.57 -0.56 15.99
C SER B 128 17.76 -0.25 15.04
N GLY B 129 17.88 1.01 14.61
CA GLY B 129 18.93 1.44 13.68
C GLY B 129 18.63 1.21 12.19
N ASN B 130 19.57 1.59 11.34
CA ASN B 130 19.44 1.56 9.87
C ASN B 130 19.85 0.22 9.23
N VAL B 131 20.28 -0.77 10.02
CA VAL B 131 20.69 -2.10 9.54
C VAL B 131 19.52 -2.76 8.78
N SER B 132 19.74 -3.12 7.53
CA SER B 132 18.72 -3.73 6.67
C SER B 132 18.67 -5.26 6.83
N VAL B 133 17.55 -5.88 6.45
CA VAL B 133 17.40 -7.34 6.51
C VAL B 133 18.41 -8.05 5.59
N GLY B 134 19.09 -9.06 6.11
CA GLY B 134 20.13 -9.82 5.40
C GLY B 134 19.60 -10.71 4.28
N TYR B 135 20.42 -10.92 3.25
CA TYR B 135 20.06 -11.72 2.07
C TYR B 135 19.60 -13.12 2.45
N ASN B 136 20.36 -13.83 3.27
CA ASN B 136 20.02 -15.20 3.68
C ASN B 136 18.64 -15.28 4.36
N HIS B 137 18.25 -14.23 5.11
CA HIS B 137 16.95 -14.18 5.77
C HIS B 137 15.78 -13.97 4.82
N THR B 138 15.92 -13.17 3.77
CA THR B 138 14.84 -13.00 2.77
C THR B 138 14.89 -14.04 1.65
N HIS B 139 15.84 -14.97 1.70
CA HIS B 139 15.96 -16.08 0.76
C HIS B 139 15.86 -17.46 1.46
N PRO B 140 14.79 -17.74 2.23
CA PRO B 140 14.64 -19.01 2.96
C PRO B 140 14.29 -20.22 2.07
N GLY B 141 14.06 -20.03 0.76
CA GLY B 141 13.70 -21.12 -0.15
C GLY B 141 12.30 -21.68 0.15
N GLU B 142 12.07 -22.93 -0.23
CA GLU B 142 10.74 -23.55 -0.15
C GLU B 142 10.22 -23.72 1.28
N GLN B 143 11.09 -23.67 2.30
CA GLN B 143 10.66 -23.69 3.69
C GLN B 143 9.86 -22.43 4.06
N GLY B 144 10.14 -21.30 3.40
CA GLY B 144 9.63 -20.00 3.84
C GLY B 144 10.10 -19.65 5.25
N ARG B 145 9.49 -18.63 5.85
CA ARG B 145 9.70 -18.26 7.25
C ARG B 145 8.44 -18.50 8.06
N GLU B 146 8.59 -19.09 9.23
CA GLU B 146 7.54 -19.11 10.23
C GLU B 146 7.74 -17.96 11.23
N VAL B 147 6.68 -17.17 11.41
CA VAL B 147 6.65 -16.08 12.37
C VAL B 147 6.50 -16.64 13.78
N VAL B 148 7.30 -16.17 14.76
CA VAL B 148 7.22 -16.60 16.16
C VAL B 148 6.95 -15.40 17.08
N PRO B 149 5.94 -15.44 17.97
CA PRO B 149 5.69 -14.40 18.97
C PRO B 149 6.90 -14.18 19.89
N SER B 150 7.29 -12.92 20.11
CA SER B 150 8.36 -12.53 21.06
C SER B 150 9.71 -13.27 20.84
N ARG B 151 10.06 -13.55 19.57
CA ARG B 151 11.27 -14.30 19.18
C ARG B 151 12.53 -13.60 19.67
N THR B 152 13.42 -14.35 20.32
CA THR B 152 14.70 -13.88 20.88
C THR B 152 15.88 -14.39 20.05
N SER B 153 16.66 -13.47 19.48
CA SER B 153 17.95 -13.74 18.82
C SER B 153 18.82 -12.48 18.81
N SER B 154 20.14 -12.65 18.80
CA SER B 154 21.11 -11.53 18.73
C SER B 154 21.33 -10.99 17.31
N ASP B 155 20.90 -11.69 16.26
CA ASP B 155 21.19 -11.34 14.87
C ASP B 155 20.41 -10.10 14.39
N ASN B 156 21.09 -8.94 14.30
CA ASN B 156 20.48 -7.70 13.85
C ASN B 156 20.08 -7.68 12.35
N LYS B 157 20.49 -8.67 11.55
CA LYS B 157 20.07 -8.82 10.14
C LYS B 157 18.70 -9.52 9.97
N ARG B 158 18.08 -10.03 11.03
CA ARG B 158 16.79 -10.76 10.93
C ARG B 158 15.61 -9.82 10.65
N PRO B 159 14.59 -10.26 9.90
CA PRO B 159 13.41 -9.46 9.59
C PRO B 159 12.48 -9.33 10.80
N SER B 160 11.67 -8.28 10.79
CA SER B 160 10.52 -8.13 11.68
C SER B 160 9.65 -9.40 11.67
N ASP B 161 9.16 -9.79 12.85
CA ASP B 161 8.12 -10.81 13.03
C ASP B 161 6.75 -10.21 13.42
N ASP B 162 6.59 -8.89 13.31
CA ASP B 162 5.31 -8.22 13.61
C ASP B 162 4.33 -8.34 12.45
N SER B 163 3.60 -9.46 12.38
CA SER B 163 2.59 -9.68 11.35
C SER B 163 1.50 -8.60 11.39
N TRP B 164 1.17 -8.04 12.55
CA TRP B 164 0.21 -6.94 12.69
C TRP B 164 0.68 -5.62 12.03
N LEU B 165 1.99 -5.46 11.80
CA LEU B 165 2.58 -4.36 11.02
C LEU B 165 3.07 -4.80 9.63
N ASN B 166 2.53 -5.90 9.08
CA ASN B 166 2.91 -6.44 7.76
C ASN B 166 4.42 -6.68 7.60
N PHE B 167 5.14 -6.86 8.72
CA PHE B 167 6.61 -6.95 8.74
C PHE B 167 7.32 -5.71 8.14
N ASP B 168 6.63 -4.59 7.94
CA ASP B 168 7.12 -3.47 7.14
C ASP B 168 6.59 -2.07 7.54
N GLY B 169 5.99 -1.92 8.72
CA GLY B 169 5.51 -0.62 9.23
C GLY B 169 4.15 -0.17 8.69
N THR B 170 3.34 -1.09 8.20
CA THR B 170 1.98 -0.79 7.72
C THR B 170 0.96 -1.74 8.33
N LEU B 171 -0.28 -1.30 8.59
CA LEU B 171 -1.20 -2.09 9.40
C LEU B 171 -1.76 -3.30 8.64
N LEU B 172 -1.86 -4.44 9.33
CA LEU B 172 -2.44 -5.67 8.80
C LEU B 172 -3.86 -5.49 8.28
N GLY B 173 -4.67 -4.66 8.92
CA GLY B 173 -6.04 -4.43 8.46
C GLY B 173 -6.11 -3.86 7.03
N ASN B 174 -5.04 -3.24 6.55
CA ASN B 174 -4.95 -2.71 5.20
C ASN B 174 -4.30 -3.67 4.19
N LEU B 175 -3.79 -4.82 4.64
CA LEU B 175 -3.25 -5.85 3.75
C LEU B 175 -4.20 -6.24 2.59
N PRO B 176 -5.54 -6.24 2.73
CA PRO B 176 -6.47 -6.47 1.62
C PRO B 176 -6.34 -5.56 0.38
N ILE B 177 -5.60 -4.44 0.46
CA ILE B 177 -5.30 -3.66 -0.77
C ILE B 177 -4.39 -4.42 -1.74
N TYR B 178 -3.62 -5.38 -1.26
CA TYR B 178 -2.87 -6.31 -2.10
C TYR B 178 -3.79 -7.43 -2.63
N PRO B 179 -3.45 -8.05 -3.77
CA PRO B 179 -4.08 -9.29 -4.21
C PRO B 179 -4.14 -10.30 -3.07
N HIS B 180 -5.34 -10.73 -2.72
CA HIS B 180 -5.53 -11.62 -1.56
C HIS B 180 -6.79 -12.46 -1.70
N GLN B 181 -6.85 -13.52 -0.93
CA GLN B 181 -8.07 -14.24 -0.58
C GLN B 181 -8.03 -14.52 0.92
N TYR B 182 -9.12 -15.03 1.49
CA TYR B 182 -9.07 -15.61 2.83
C TYR B 182 -9.33 -17.11 2.75
N ILE B 183 -8.77 -17.85 3.70
CA ILE B 183 -9.26 -19.18 4.01
C ILE B 183 -10.02 -19.04 5.32
N ASN B 184 -11.34 -19.10 5.25
CA ASN B 184 -12.21 -19.11 6.42
C ASN B 184 -12.68 -20.55 6.57
N LEU B 185 -12.32 -21.23 7.64
CA LEU B 185 -12.44 -22.69 7.69
C LEU B 185 -13.89 -23.19 7.53
N ARG B 186 -14.88 -22.38 7.91
CA ARG B 186 -16.29 -22.70 7.66
C ARG B 186 -16.73 -22.61 6.19
N THR B 187 -15.98 -21.90 5.34
CA THR B 187 -16.34 -21.57 3.95
C THR B 187 -15.55 -22.38 2.95
N ASN B 188 -14.21 -22.34 3.02
CA ASN B 188 -13.34 -22.84 1.97
C ASN B 188 -12.11 -23.58 2.54
N ASN B 189 -11.54 -24.49 1.76
CA ASN B 189 -10.33 -25.23 2.13
C ASN B 189 -9.11 -24.84 1.30
N SER B 190 -9.24 -23.86 0.42
CA SER B 190 -8.13 -23.37 -0.37
C SER B 190 -8.31 -21.93 -0.82
N ALA B 191 -7.20 -21.29 -1.13
CA ALA B 191 -7.13 -19.99 -1.78
C ALA B 191 -6.30 -20.10 -3.06
N THR B 192 -6.70 -19.41 -4.11
CA THR B 192 -5.98 -19.41 -5.39
C THR B 192 -5.69 -17.99 -5.85
N LEU B 193 -4.43 -17.65 -6.04
CA LEU B 193 -3.96 -16.37 -6.58
C LEU B 193 -3.26 -16.61 -7.91
N ILE B 194 -3.65 -15.92 -8.97
CA ILE B 194 -2.95 -15.89 -10.25
C ILE B 194 -2.22 -14.56 -10.32
N LEU B 195 -0.89 -14.59 -10.39
CA LEU B 195 -0.04 -13.40 -10.32
C LEU B 195 0.63 -13.17 -11.68
N PRO B 196 0.41 -12.03 -12.35
CA PRO B 196 1.21 -11.64 -13.49
C PRO B 196 2.61 -11.26 -13.03
N TYR B 197 3.54 -11.17 -13.97
CA TYR B 197 4.81 -10.51 -13.70
C TYR B 197 4.57 -9.02 -13.44
N VAL B 198 5.00 -8.54 -12.27
CA VAL B 198 4.88 -7.15 -11.83
C VAL B 198 6.28 -6.65 -11.49
N ASN B 199 6.79 -5.70 -12.25
CA ASN B 199 8.08 -5.07 -12.02
C ASN B 199 8.21 -3.78 -12.85
N ALA B 200 9.10 -2.86 -12.48
CA ALA B 200 9.41 -1.66 -13.27
C ALA B 200 10.42 -1.90 -14.40
N VAL B 201 10.90 -3.13 -14.56
CA VAL B 201 11.78 -3.59 -15.66
C VAL B 201 11.20 -4.88 -16.27
N PRO B 202 11.36 -5.13 -17.58
CA PRO B 202 10.65 -6.21 -18.27
C PRO B 202 11.12 -7.63 -17.89
N MET B 203 12.37 -7.78 -17.45
CA MET B 203 12.93 -9.00 -16.85
C MET B 203 13.91 -8.60 -15.76
N ASP B 204 14.23 -9.51 -14.85
CA ASP B 204 15.13 -9.16 -13.75
C ASP B 204 15.95 -10.36 -13.28
N SER B 205 16.99 -10.10 -12.50
CA SER B 205 17.77 -11.16 -11.86
C SER B 205 16.89 -11.91 -10.86
N MET B 206 16.69 -13.19 -11.10
CA MET B 206 15.83 -14.03 -10.26
C MET B 206 16.37 -14.16 -8.83
N LEU B 207 17.69 -14.26 -8.69
CA LEU B 207 18.35 -14.47 -7.39
C LEU B 207 18.53 -13.17 -6.59
N ARG B 208 18.58 -12.00 -7.22
CA ARG B 208 18.81 -10.70 -6.53
C ARG B 208 17.53 -10.00 -6.08
N HIS B 209 16.37 -10.38 -6.59
CA HIS B 209 15.12 -9.63 -6.43
C HIS B 209 13.91 -10.55 -6.35
N ASN B 210 13.18 -10.51 -5.25
CA ASN B 210 11.91 -11.21 -5.11
C ASN B 210 10.74 -10.30 -5.48
N ASN B 211 10.12 -10.55 -6.62
CA ASN B 211 9.05 -9.69 -7.15
C ASN B 211 7.81 -9.70 -6.24
N TRP B 212 7.45 -10.89 -5.76
CA TRP B 212 6.27 -11.15 -4.93
C TRP B 212 6.66 -11.78 -3.59
N SER B 213 5.91 -11.46 -2.55
CA SER B 213 5.93 -12.17 -1.27
C SER B 213 4.56 -12.76 -1.00
N LEU B 214 4.48 -14.05 -0.72
CA LEU B 214 3.26 -14.71 -0.29
C LEU B 214 3.21 -14.65 1.24
N VAL B 215 2.21 -13.98 1.78
CA VAL B 215 2.03 -13.79 3.22
C VAL B 215 0.76 -14.50 3.65
N ILE B 216 0.85 -15.38 4.64
CA ILE B 216 -0.29 -16.10 5.20
C ILE B 216 -0.37 -15.76 6.69
N ILE B 217 -1.43 -15.08 7.12
CA ILE B 217 -1.55 -14.63 8.52
C ILE B 217 -2.88 -15.11 9.10
N PRO B 218 -2.88 -15.86 10.22
CA PRO B 218 -4.11 -16.16 10.94
C PRO B 218 -4.59 -14.89 11.65
N ILE B 219 -5.76 -14.38 11.23
CA ILE B 219 -6.43 -13.24 11.86
C ILE B 219 -7.33 -13.71 13.00
N CYS B 220 -8.15 -14.74 12.75
CA CYS B 220 -8.93 -15.44 13.77
C CYS B 220 -8.19 -16.76 14.07
N PRO B 221 -7.74 -16.99 15.30
CA PRO B 221 -6.95 -18.18 15.65
C PRO B 221 -7.70 -19.48 15.35
N LEU B 222 -6.94 -20.54 15.10
CA LEU B 222 -7.51 -21.88 14.98
C LEU B 222 -8.18 -22.26 16.31
N GLN B 223 -9.46 -22.62 16.27
CA GLN B 223 -10.18 -23.16 17.42
C GLN B 223 -10.92 -24.44 17.04
N VAL B 224 -10.85 -25.45 17.90
CA VAL B 224 -11.53 -26.73 17.74
C VAL B 224 -11.61 -27.42 19.10
N GLN B 225 -12.76 -28.00 19.42
CA GLN B 225 -12.98 -28.68 20.71
C GLN B 225 -12.17 -30.00 20.80
N PRO B 226 -11.92 -30.52 22.02
CA PRO B 226 -11.29 -31.81 22.22
C PRO B 226 -11.90 -32.93 21.37
N GLY B 227 -11.06 -33.87 20.92
CA GLY B 227 -11.43 -34.93 19.98
C GLY B 227 -11.31 -34.53 18.51
N GLY B 228 -11.41 -33.24 18.17
CA GLY B 228 -11.06 -32.74 16.83
C GLY B 228 -9.54 -32.60 16.66
N THR B 229 -9.04 -32.67 15.43
CA THR B 229 -7.61 -32.55 15.14
C THR B 229 -7.10 -31.15 15.51
N GLN B 230 -6.22 -31.02 16.51
CA GLN B 230 -5.93 -29.74 17.18
C GLN B 230 -5.03 -28.78 16.38
N SER B 231 -4.28 -29.30 15.42
CA SER B 231 -3.45 -28.52 14.50
C SER B 231 -3.65 -29.05 13.09
N ILE B 232 -3.74 -28.16 12.11
CA ILE B 232 -4.04 -28.54 10.72
C ILE B 232 -2.94 -28.01 9.80
N PRO B 233 -2.51 -28.77 8.78
CA PRO B 233 -1.48 -28.28 7.88
C PRO B 233 -1.99 -27.14 7.00
N ILE B 234 -1.07 -26.26 6.64
CA ILE B 234 -1.16 -25.35 5.50
C ILE B 234 -0.11 -25.82 4.51
N THR B 235 -0.53 -26.10 3.29
CA THR B 235 0.35 -26.53 2.21
C THR B 235 0.23 -25.55 1.05
N VAL B 236 1.35 -25.11 0.51
CA VAL B 236 1.40 -24.17 -0.59
C VAL B 236 1.95 -24.87 -1.83
N SER B 237 1.20 -24.83 -2.92
CA SER B 237 1.65 -25.29 -4.24
C SER B 237 1.73 -24.11 -5.19
N ILE B 238 2.84 -23.96 -5.90
CA ILE B 238 3.06 -22.80 -6.78
C ILE B 238 3.48 -23.29 -8.15
N SER B 239 2.80 -22.83 -9.20
CA SER B 239 3.21 -23.07 -10.58
C SER B 239 3.71 -21.77 -11.18
N PRO B 240 4.95 -21.69 -11.67
CA PRO B 240 5.33 -20.67 -12.65
C PRO B 240 4.34 -20.65 -13.81
N MET B 241 4.17 -19.50 -14.44
CA MET B 241 3.36 -19.34 -15.64
C MET B 241 4.12 -18.45 -16.62
N PHE B 242 4.17 -18.86 -17.89
CA PHE B 242 4.87 -18.11 -18.94
C PHE B 242 6.30 -17.76 -18.49
N SER B 243 6.99 -18.68 -17.82
CA SER B 243 8.37 -18.44 -17.39
C SER B 243 9.27 -18.27 -18.60
N GLU B 244 10.17 -17.29 -18.54
CA GLU B 244 11.16 -17.00 -19.57
C GLU B 244 12.48 -16.70 -18.91
N PHE B 245 13.57 -17.05 -19.57
CA PHE B 245 14.90 -16.77 -19.07
C PHE B 245 15.81 -16.31 -20.21
N SER B 246 16.78 -15.46 -19.91
CA SER B 246 17.74 -15.03 -20.92
C SER B 246 19.08 -14.66 -20.31
N GLY B 247 20.12 -14.58 -21.15
CA GLY B 247 21.49 -14.45 -20.71
C GLY B 247 22.01 -15.71 -20.01
N PRO B 248 22.03 -16.88 -20.70
CA PRO B 248 22.60 -18.10 -20.15
C PRO B 248 24.09 -17.91 -19.86
N ARG B 249 24.55 -18.50 -18.76
CA ARG B 249 25.91 -18.41 -18.23
C ARG B 249 26.20 -19.64 -17.36
N SER B 250 27.38 -19.70 -16.75
CA SER B 250 27.68 -20.72 -15.73
C SER B 250 26.72 -20.63 -14.53
N LYS B 251 26.48 -21.76 -13.86
CA LYS B 251 25.57 -21.84 -12.71
C LYS B 251 26.06 -20.96 -11.56
N VAL B 252 25.19 -20.12 -10.99
CA VAL B 252 25.53 -19.38 -9.75
C VAL B 252 25.77 -20.36 -8.59
N VAL B 253 26.80 -20.10 -7.77
CA VAL B 253 27.10 -20.86 -6.55
C VAL B 253 27.21 -19.90 -5.37
N PHE B 254 26.45 -20.14 -4.29
CA PHE B 254 26.48 -19.34 -3.06
C PHE B 254 27.61 -19.78 -2.11
N SER C 1 7.55 25.21 -17.30
CA SER C 1 8.93 25.48 -16.80
C SER C 1 9.99 24.73 -17.63
N PRO C 2 11.18 25.31 -17.83
CA PRO C 2 12.21 24.73 -18.69
C PRO C 2 12.75 23.42 -18.11
N SER C 3 13.06 22.44 -18.96
CA SER C 3 13.73 21.21 -18.54
C SER C 3 15.21 21.46 -18.28
N ALA C 4 15.73 20.95 -17.18
CA ALA C 4 17.17 20.98 -16.91
C ALA C 4 17.97 20.02 -17.84
N PHE C 5 17.31 19.04 -18.47
CA PHE C 5 17.94 18.03 -19.36
C PHE C 5 17.39 18.15 -20.80
N PRO C 6 17.84 19.13 -21.61
CA PRO C 6 17.12 19.65 -22.79
C PRO C 6 16.93 18.76 -24.04
N TYR C 7 17.54 17.58 -24.12
CA TYR C 7 17.32 16.62 -25.22
C TYR C 7 17.01 15.20 -24.71
N PHE C 8 16.83 15.06 -23.40
CA PHE C 8 16.68 13.79 -22.73
C PHE C 8 15.40 13.06 -23.16
N HIS C 9 15.51 11.79 -23.53
CA HIS C 9 14.38 10.93 -23.86
C HIS C 9 14.15 9.92 -22.72
N PRO C 10 13.05 10.02 -21.95
CA PRO C 10 12.78 9.11 -20.84
C PRO C 10 12.71 7.64 -21.29
N THR C 11 13.06 6.73 -20.40
CA THR C 11 12.98 5.28 -20.61
C THR C 11 11.56 4.87 -21.01
N LYS C 12 11.40 3.92 -21.94
CA LYS C 12 10.05 3.51 -22.40
C LYS C 12 9.16 3.15 -21.21
N GLU C 13 7.93 3.63 -21.23
CA GLU C 13 6.88 3.14 -20.34
C GLU C 13 6.45 1.73 -20.76
N ILE C 14 6.82 0.71 -19.98
CA ILE C 14 6.34 -0.67 -20.19
C ILE C 14 4.97 -0.85 -19.51
N PHE C 15 4.20 -1.85 -19.95
CA PHE C 15 2.99 -2.18 -19.21
C PHE C 15 3.34 -2.75 -17.83
N ILE C 16 2.77 -2.17 -16.77
CA ILE C 16 2.86 -2.72 -15.41
C ILE C 16 1.42 -2.97 -14.92
N PRO C 17 1.05 -4.20 -14.49
CA PRO C 17 -0.26 -4.44 -13.91
C PRO C 17 -0.55 -3.52 -12.71
N GLY C 18 -1.82 -3.25 -12.42
CA GLY C 18 -2.22 -2.58 -11.19
C GLY C 18 -2.08 -1.05 -11.21
N GLN C 19 -2.15 -0.40 -12.37
CA GLN C 19 -2.15 1.06 -12.40
C GLN C 19 -3.33 1.61 -11.60
N VAL C 20 -3.09 2.63 -10.78
CA VAL C 20 -4.12 3.37 -10.04
C VAL C 20 -4.26 4.75 -10.66
N ARG C 21 -5.45 5.15 -11.08
CA ARG C 21 -5.73 6.48 -11.67
C ARG C 21 -6.39 7.41 -10.66
N ASN C 22 -7.10 6.88 -9.67
CA ASN C 22 -7.83 7.67 -8.70
C ASN C 22 -7.80 7.01 -7.30
N LEU C 23 -7.63 7.78 -6.23
CA LEU C 23 -7.65 7.23 -4.86
C LEU C 23 -8.99 6.59 -4.49
N ILE C 24 -10.09 6.95 -5.15
CA ILE C 24 -11.37 6.31 -4.82
C ILE C 24 -11.38 4.83 -5.23
N GLU C 25 -10.59 4.43 -6.24
CA GLU C 25 -10.38 3.00 -6.56
C GLU C 25 -9.84 2.23 -5.35
N MET C 26 -8.97 2.85 -4.55
CA MET C 26 -8.43 2.29 -3.32
C MET C 26 -9.45 2.33 -2.17
N CYS C 27 -10.24 3.41 -2.04
CA CYS C 27 -11.33 3.50 -1.05
C CYS C 27 -12.43 2.45 -1.28
N GLN C 28 -12.64 2.04 -2.53
CA GLN C 28 -13.60 1.01 -2.93
C GLN C 28 -13.14 -0.43 -2.59
N VAL C 29 -11.94 -0.61 -2.03
CA VAL C 29 -11.45 -1.91 -1.57
C VAL C 29 -11.71 -2.06 -0.06
N ASP C 30 -12.31 -3.15 0.36
CA ASP C 30 -12.52 -3.44 1.79
C ASP C 30 -11.18 -3.49 2.53
N THR C 31 -11.10 -2.81 3.67
CA THR C 31 -10.02 -3.03 4.63
C THR C 31 -10.59 -3.20 6.02
N LEU C 32 -9.89 -3.94 6.88
CA LEU C 32 -10.39 -4.36 8.18
C LEU C 32 -10.43 -3.17 9.13
N ILE C 33 -11.49 -3.06 9.92
CA ILE C 33 -11.66 -2.03 10.94
C ILE C 33 -11.11 -2.60 12.25
N PRO C 34 -10.21 -1.90 12.97
CA PRO C 34 -9.74 -2.36 14.27
C PRO C 34 -10.82 -2.11 15.35
N VAL C 35 -12.00 -2.76 15.23
CA VAL C 35 -13.17 -2.50 16.07
C VAL C 35 -12.91 -2.79 17.54
N ASN C 36 -12.08 -3.81 17.82
CA ASN C 36 -11.92 -4.24 19.20
C ASN C 36 -11.12 -3.18 20.00
N ASN C 37 -10.10 -2.57 19.39
CA ASN C 37 -9.16 -1.53 19.87
C ASN C 37 -9.06 -1.25 21.40
N THR C 38 -9.09 -2.28 22.23
CA THR C 38 -8.73 -2.17 23.66
C THR C 38 -7.22 -2.19 23.82
N GLN C 39 -6.71 -1.71 24.96
CA GLN C 39 -5.28 -1.64 25.26
C GLN C 39 -4.57 -3.00 25.13
N GLU C 40 -5.26 -4.10 25.44
CA GLU C 40 -4.72 -5.47 25.30
C GLU C 40 -4.54 -5.94 23.84
N ASN C 41 -5.21 -5.30 22.88
CA ASN C 41 -5.33 -5.80 21.50
C ASN C 41 -4.63 -4.94 20.43
N VAL C 42 -4.35 -3.66 20.69
CA VAL C 42 -3.83 -2.72 19.67
C VAL C 42 -2.39 -2.99 19.19
N ARG C 43 -1.68 -3.97 19.76
CA ARG C 43 -0.34 -4.42 19.32
C ARG C 43 -0.39 -5.78 18.59
N SER C 44 -1.55 -6.17 18.08
CA SER C 44 -1.84 -7.55 17.69
C SER C 44 -2.91 -7.63 16.60
N VAL C 45 -3.00 -8.75 15.88
CA VAL C 45 -4.09 -9.02 14.94
C VAL C 45 -5.47 -9.04 15.63
N ASN C 46 -5.50 -9.26 16.94
CA ASN C 46 -6.75 -9.36 17.72
C ASN C 46 -7.61 -8.09 17.67
N MET C 47 -7.03 -6.91 17.42
CA MET C 47 -7.84 -5.68 17.29
C MET C 47 -8.85 -5.72 16.14
N TYR C 48 -8.63 -6.57 15.12
CA TYR C 48 -9.51 -6.72 13.95
C TYR C 48 -10.64 -7.72 14.14
N THR C 49 -10.74 -8.34 15.30
CA THR C 49 -11.71 -9.42 15.55
C THR C 49 -12.67 -9.03 16.66
N VAL C 50 -13.97 -9.17 16.40
CA VAL C 50 -15.03 -8.91 17.37
C VAL C 50 -15.53 -10.24 17.91
N ASP C 51 -15.57 -10.40 19.21
CA ASP C 51 -15.99 -11.65 19.85
C ASP C 51 -17.52 -11.82 19.83
N LEU C 52 -17.95 -13.02 19.42
CA LEU C 52 -19.31 -13.50 19.48
C LEU C 52 -19.34 -14.75 20.37
N ARG C 53 -20.39 -14.94 21.16
CA ARG C 53 -20.57 -16.17 21.98
C ARG C 53 -22.01 -16.37 22.38
N THR C 54 -22.37 -17.59 22.78
CA THR C 54 -23.72 -17.88 23.28
C THR C 54 -24.06 -16.98 24.46
N GLN C 55 -25.12 -16.20 24.31
CA GLN C 55 -25.62 -15.29 25.34
C GLN C 55 -26.62 -16.00 26.27
N VAL C 56 -26.66 -15.60 27.54
CA VAL C 56 -27.72 -16.01 28.48
C VAL C 56 -28.91 -15.05 28.40
N ASP C 57 -28.66 -13.75 28.25
CA ASP C 57 -29.67 -12.72 28.04
C ASP C 57 -29.94 -12.46 26.55
N LEU C 58 -31.17 -12.09 26.19
CA LEU C 58 -31.57 -11.77 24.81
C LEU C 58 -31.15 -10.36 24.38
N ALA C 59 -31.00 -10.15 23.07
CA ALA C 59 -30.83 -8.83 22.46
C ALA C 59 -29.63 -8.00 22.96
N LYS C 60 -28.54 -8.65 23.41
CA LYS C 60 -27.32 -7.97 23.87
C LYS C 60 -26.58 -7.28 22.73
N GLU C 61 -25.84 -6.23 23.04
CA GLU C 61 -24.96 -5.55 22.11
C GLU C 61 -23.68 -6.35 21.86
N VAL C 62 -23.20 -6.37 20.61
CA VAL C 62 -21.94 -7.01 20.20
C VAL C 62 -20.80 -5.98 20.15
N PHE C 63 -21.02 -4.85 19.47
CA PHE C 63 -20.05 -3.75 19.37
C PHE C 63 -20.76 -2.45 18.95
N SER C 64 -20.07 -1.32 19.10
CA SER C 64 -20.45 -0.07 18.43
C SER C 64 -19.23 0.71 17.95
N ILE C 65 -19.39 1.47 16.87
CA ILE C 65 -18.41 2.44 16.35
C ILE C 65 -19.13 3.70 15.85
N PRO C 66 -18.50 4.88 15.89
CA PRO C 66 -18.92 6.01 15.05
C PRO C 66 -18.71 5.66 13.56
N VAL C 67 -19.56 6.13 12.65
CA VAL C 67 -19.39 5.84 11.20
C VAL C 67 -18.51 6.85 10.46
N ASP C 68 -18.17 7.99 11.08
CA ASP C 68 -17.44 9.06 10.41
C ASP C 68 -16.03 8.57 10.02
N ILE C 69 -15.73 8.54 8.72
CA ILE C 69 -14.66 7.71 8.13
C ILE C 69 -13.25 7.95 8.67
N ALA C 70 -12.96 9.16 9.12
CA ALA C 70 -11.66 9.53 9.66
C ALA C 70 -11.66 9.65 11.21
N SER C 71 -12.76 9.28 11.88
CA SER C 71 -12.79 9.10 13.34
C SER C 71 -12.27 7.72 13.75
N GLN C 72 -11.85 7.55 14.99
CA GLN C 72 -11.44 6.24 15.53
C GLN C 72 -12.67 5.34 15.77
N PRO C 73 -12.63 4.03 15.47
CA PRO C 73 -11.48 3.25 14.96
C PRO C 73 -11.32 3.25 13.42
N LEU C 74 -12.21 3.89 12.65
CA LEU C 74 -12.12 3.90 11.18
C LEU C 74 -10.87 4.58 10.62
N ALA C 75 -10.28 5.51 11.36
CA ALA C 75 -9.19 6.38 10.93
C ALA C 75 -8.04 5.64 10.24
N THR C 76 -7.58 4.50 10.77
CA THR C 76 -6.41 3.79 10.23
C THR C 76 -6.74 2.76 9.15
N THR C 77 -8.02 2.56 8.82
CA THR C 77 -8.42 1.81 7.62
C THR C 77 -7.95 2.55 6.37
N LEU C 78 -7.87 1.89 5.22
CA LEU C 78 -7.38 2.56 4.01
C LEU C 78 -8.30 3.72 3.62
N ILE C 79 -9.62 3.53 3.63
CA ILE C 79 -10.57 4.61 3.38
C ILE C 79 -10.44 5.74 4.42
N GLY C 80 -10.24 5.44 5.70
CA GLY C 80 -10.04 6.46 6.73
C GLY C 80 -8.72 7.22 6.55
N GLU C 81 -7.66 6.51 6.17
CA GLU C 81 -6.36 7.10 5.91
C GLU C 81 -6.38 8.02 4.69
N LEU C 82 -6.98 7.58 3.59
CA LEU C 82 -7.15 8.41 2.39
C LEU C 82 -8.09 9.57 2.67
N ALA C 83 -9.20 9.34 3.38
CA ALA C 83 -10.09 10.43 3.78
C ALA C 83 -9.37 11.50 4.61
N SER C 84 -8.43 11.11 5.47
CA SER C 84 -7.67 12.07 6.27
C SER C 84 -6.66 12.90 5.47
N TYR C 85 -6.41 12.60 4.19
CA TYR C 85 -5.74 13.54 3.26
C TYR C 85 -6.69 14.56 2.64
N TYR C 86 -7.96 14.58 3.04
CA TYR C 86 -8.98 15.45 2.48
C TYR C 86 -9.84 16.04 3.60
N THR C 87 -10.44 17.21 3.34
CA THR C 87 -11.16 17.97 4.35
C THR C 87 -12.64 17.61 4.39
N HIS C 88 -13.20 17.23 3.25
CA HIS C 88 -14.62 16.91 3.10
C HIS C 88 -14.81 15.53 2.50
N TRP C 89 -15.91 14.88 2.85
CA TRP C 89 -16.33 13.63 2.25
C TRP C 89 -17.84 13.62 2.04
N THR C 90 -18.29 12.72 1.18
CA THR C 90 -19.70 12.51 0.89
C THR C 90 -19.91 11.12 0.32
N GLY C 91 -21.15 10.67 0.25
CA GLY C 91 -21.54 9.41 -0.34
C GLY C 91 -21.63 8.27 0.66
N SER C 92 -22.08 7.13 0.18
CA SER C 92 -22.48 6.01 1.01
C SER C 92 -21.27 5.13 1.35
N LEU C 93 -21.32 4.49 2.50
CA LEU C 93 -20.26 3.59 2.96
C LEU C 93 -20.81 2.18 3.03
N ARG C 94 -19.97 1.20 2.75
CA ARG C 94 -20.30 -0.21 2.87
C ARG C 94 -19.49 -0.78 4.01
N PHE C 95 -20.16 -1.28 5.03
CA PHE C 95 -19.54 -2.01 6.12
C PHE C 95 -19.84 -3.48 5.89
N SER C 96 -18.81 -4.31 5.82
CA SER C 96 -18.99 -5.76 5.61
C SER C 96 -18.50 -6.52 6.82
N PHE C 97 -19.18 -7.59 7.16
CA PHE C 97 -18.92 -8.39 8.34
C PHE C 97 -18.74 -9.83 7.89
N MET C 98 -17.60 -10.45 8.20
CA MET C 98 -17.34 -11.84 7.87
C MET C 98 -17.36 -12.67 9.16
N PHE C 99 -18.29 -13.60 9.25
CA PHE C 99 -18.38 -14.50 10.38
C PHE C 99 -17.32 -15.61 10.25
N CYS C 100 -16.56 -15.85 11.32
CA CYS C 100 -15.45 -16.82 11.34
C CYS C 100 -15.65 -17.93 12.37
N GLY C 101 -16.89 -18.19 12.79
CA GLY C 101 -17.22 -19.38 13.59
C GLY C 101 -17.05 -20.66 12.77
N SER C 102 -17.54 -21.79 13.28
CA SER C 102 -17.52 -23.04 12.51
C SER C 102 -18.69 -23.10 11.54
N ALA C 103 -18.66 -24.03 10.58
CA ALA C 103 -19.81 -24.29 9.71
C ALA C 103 -21.02 -24.85 10.48
N SER C 104 -20.78 -25.47 11.63
CA SER C 104 -21.81 -26.00 12.54
C SER C 104 -22.45 -24.93 13.45
N SER C 105 -21.88 -23.73 13.50
CA SER C 105 -22.40 -22.60 14.30
C SER C 105 -23.48 -21.83 13.53
N THR C 106 -24.50 -21.33 14.22
CA THR C 106 -25.56 -20.50 13.62
C THR C 106 -25.77 -19.25 14.45
N LEU C 107 -26.19 -18.18 13.81
CA LEU C 107 -26.31 -16.87 14.42
C LEU C 107 -27.18 -15.98 13.54
N LYS C 108 -27.99 -15.11 14.16
CA LYS C 108 -28.50 -13.93 13.48
C LYS C 108 -27.99 -12.68 14.21
N LEU C 109 -27.67 -11.64 13.47
CA LEU C 109 -27.29 -10.34 14.04
C LEU C 109 -28.16 -9.26 13.47
N LEU C 110 -28.48 -8.25 14.25
CA LEU C 110 -29.06 -7.01 13.75
C LEU C 110 -27.94 -5.97 13.77
N ILE C 111 -27.56 -5.48 12.59
CA ILE C 111 -26.55 -4.44 12.46
C ILE C 111 -27.26 -3.18 11.99
N ALA C 112 -27.14 -2.10 12.76
CA ALA C 112 -27.92 -0.90 12.58
C ALA C 112 -27.02 0.32 12.44
N TYR C 113 -27.39 1.21 11.54
CA TYR C 113 -26.85 2.56 11.42
C TYR C 113 -27.88 3.54 12.00
N THR C 114 -27.45 4.31 12.99
CA THR C 114 -28.28 5.33 13.64
C THR C 114 -27.79 6.71 13.23
N PRO C 115 -28.60 7.52 12.54
CA PRO C 115 -28.26 8.90 12.19
C PRO C 115 -28.00 9.77 13.44
N PRO C 116 -27.39 10.97 13.27
CA PRO C 116 -27.21 11.94 14.35
C PRO C 116 -28.52 12.36 15.04
N GLY C 117 -28.39 12.97 16.23
CA GLY C 117 -29.48 13.61 16.97
C GLY C 117 -30.02 12.83 18.18
N VAL C 118 -29.59 11.59 18.41
CA VAL C 118 -30.06 10.74 19.53
C VAL C 118 -28.93 10.02 20.29
N GLY C 119 -27.66 10.29 19.98
CA GLY C 119 -26.52 9.50 20.48
C GLY C 119 -26.52 8.06 19.96
N LYS C 120 -25.74 7.19 20.62
CA LYS C 120 -25.72 5.74 20.37
C LYS C 120 -27.00 5.07 20.90
N PRO C 121 -27.66 4.15 20.17
CA PRO C 121 -28.76 3.36 20.70
C PRO C 121 -28.40 2.59 21.99
N LYS C 122 -29.29 2.61 22.97
CA LYS C 122 -29.12 1.90 24.25
C LYS C 122 -29.69 0.48 24.25
N SER C 123 -30.40 0.10 23.20
CA SER C 123 -31.00 -1.23 23.05
C SER C 123 -31.20 -1.57 21.57
N ARG C 124 -31.36 -2.87 21.28
CA ARG C 124 -31.72 -3.33 19.93
C ARG C 124 -33.04 -2.70 19.46
N ARG C 125 -34.00 -2.52 20.37
CA ARG C 125 -35.28 -1.87 20.07
C ARG C 125 -35.08 -0.43 19.58
N GLU C 126 -34.20 0.35 20.20
CA GLU C 126 -33.88 1.67 19.67
C GLU C 126 -33.13 1.59 18.33
N ALA C 127 -32.16 0.68 18.24
CA ALA C 127 -31.32 0.55 17.05
C ALA C 127 -32.12 0.16 15.80
N MET C 128 -33.06 -0.77 15.93
CA MET C 128 -33.86 -1.28 14.80
C MET C 128 -34.84 -0.23 14.22
N LEU C 129 -35.06 0.91 14.89
CA LEU C 129 -35.81 2.03 14.30
C LEU C 129 -35.01 2.77 13.23
N GLY C 130 -33.68 2.65 13.24
CA GLY C 130 -32.79 3.19 12.21
C GLY C 130 -32.62 2.26 11.01
N THR C 131 -31.77 2.68 10.07
CA THR C 131 -31.36 1.82 8.95
C THR C 131 -30.69 0.56 9.50
N HIS C 132 -31.13 -0.63 9.10
CA HIS C 132 -30.51 -1.85 9.64
C HIS C 132 -30.62 -3.03 8.69
N LEU C 133 -29.77 -4.03 8.94
CA LEU C 133 -29.76 -5.34 8.32
C LEU C 133 -29.98 -6.39 9.41
N VAL C 134 -30.94 -7.29 9.23
CA VAL C 134 -30.92 -8.57 9.94
C VAL C 134 -30.14 -9.57 9.10
N TRP C 135 -28.99 -9.98 9.60
CA TRP C 135 -28.06 -10.87 8.91
C TRP C 135 -28.23 -12.29 9.46
N ASP C 136 -28.58 -13.23 8.59
CA ASP C 136 -28.57 -14.66 8.89
C ASP C 136 -27.23 -15.27 8.47
N VAL C 137 -26.47 -15.81 9.43
CA VAL C 137 -25.20 -16.48 9.14
C VAL C 137 -25.46 -17.85 8.52
N GLY C 138 -24.93 -18.11 7.33
CA GLY C 138 -25.18 -19.34 6.56
C GLY C 138 -24.01 -19.73 5.66
N LEU C 139 -24.29 -20.37 4.53
CA LEU C 139 -23.26 -20.74 3.55
C LEU C 139 -22.49 -19.52 3.01
N GLN C 140 -23.15 -18.38 2.81
CA GLN C 140 -22.47 -17.10 2.55
C GLN C 140 -22.02 -16.49 3.89
N SER C 141 -20.72 -16.39 4.12
CA SER C 141 -20.19 -16.04 5.44
C SER C 141 -20.10 -14.54 5.69
N THR C 142 -20.39 -13.72 4.68
CA THR C 142 -20.23 -12.27 4.73
C THR C 142 -21.55 -11.56 4.47
N ALA C 143 -21.80 -10.50 5.22
CA ALA C 143 -22.91 -9.60 4.96
C ALA C 143 -22.44 -8.16 4.92
N SER C 144 -23.15 -7.30 4.21
CA SER C 144 -22.82 -5.88 4.12
C SER C 144 -24.00 -5.03 4.57
N LEU C 145 -23.74 -4.05 5.43
CA LEU C 145 -24.65 -2.95 5.72
C LEU C 145 -24.19 -1.75 4.89
N VAL C 146 -25.08 -1.17 4.10
CA VAL C 146 -24.79 0.13 3.48
C VAL C 146 -25.25 1.22 4.45
N VAL C 147 -24.35 2.13 4.80
CA VAL C 147 -24.67 3.40 5.45
C VAL C 147 -24.96 4.41 4.34
N PRO C 148 -26.24 4.65 4.00
CA PRO C 148 -26.60 5.53 2.91
C PRO C 148 -26.18 6.95 3.25
N TRP C 149 -25.86 7.76 2.24
CA TRP C 149 -25.64 9.17 2.48
C TRP C 149 -26.94 9.85 2.89
N VAL C 150 -27.07 10.16 4.18
CA VAL C 150 -28.20 10.90 4.76
C VAL C 150 -27.61 12.02 5.62
N SER C 151 -27.62 13.22 5.05
CA SER C 151 -26.96 14.41 5.57
C SER C 151 -27.78 15.64 5.19
N ALA C 152 -27.75 16.70 6.00
CA ALA C 152 -28.37 17.96 5.61
C ALA C 152 -27.60 18.61 4.45
N SER C 153 -26.28 18.72 4.62
CA SER C 153 -25.37 19.30 3.61
C SER C 153 -24.85 18.25 2.63
N HIS C 154 -24.45 18.67 1.42
CA HIS C 154 -23.90 17.79 0.38
C HIS C 154 -22.61 17.08 0.79
N PHE C 155 -21.86 17.64 1.73
CA PHE C 155 -20.61 17.08 2.26
C PHE C 155 -20.56 17.17 3.78
N ARG C 156 -19.70 16.35 4.39
CA ARG C 156 -19.33 16.38 5.81
C ARG C 156 -17.83 16.63 5.95
N PHE C 157 -17.40 17.24 7.03
CA PHE C 157 -15.98 17.31 7.37
C PHE C 157 -15.43 15.92 7.70
N THR C 158 -14.19 15.63 7.34
CA THR C 158 -13.50 14.40 7.78
C THR C 158 -13.00 14.51 9.22
N THR C 159 -12.63 15.71 9.68
CA THR C 159 -12.30 15.96 11.10
C THR C 159 -13.59 15.92 11.95
N PRO C 160 -13.59 15.28 13.14
CA PRO C 160 -14.73 15.31 14.05
C PRO C 160 -15.28 16.72 14.31
N ASP C 161 -16.59 16.89 14.14
CA ASP C 161 -17.32 18.15 14.32
C ASP C 161 -18.78 17.82 14.65
N THR C 162 -19.32 18.35 15.75
CA THR C 162 -20.69 18.05 16.22
C THR C 162 -21.78 18.44 15.21
N TYR C 163 -21.55 19.48 14.41
CA TYR C 163 -22.45 19.86 13.29
C TYR C 163 -22.41 18.86 12.13
N SER C 164 -21.28 18.19 11.93
CA SER C 164 -20.99 17.37 10.74
C SER C 164 -20.93 15.86 11.00
N SER C 165 -21.00 15.42 12.26
CA SER C 165 -20.89 14.01 12.65
C SER C 165 -21.92 13.13 11.94
N ALA C 166 -21.56 11.88 11.66
CA ALA C 166 -22.31 10.99 10.78
C ALA C 166 -23.20 9.97 11.52
N GLY C 167 -23.08 9.82 12.84
CA GLY C 167 -23.83 8.83 13.61
C GLY C 167 -23.05 7.54 13.88
N TYR C 168 -23.76 6.44 14.16
CA TYR C 168 -23.17 5.25 14.80
C TYR C 168 -23.59 3.96 14.09
N ILE C 169 -22.69 2.98 14.06
CA ILE C 169 -23.07 1.57 13.84
C ILE C 169 -23.13 0.88 15.19
N THR C 170 -24.18 0.08 15.39
CA THR C 170 -24.30 -0.84 16.52
C THR C 170 -24.66 -2.21 15.99
N CYS C 171 -24.18 -3.25 16.65
CA CYS C 171 -24.49 -4.62 16.30
C CYS C 171 -25.09 -5.31 17.52
N TRP C 172 -26.12 -6.12 17.31
CA TRP C 172 -26.92 -6.73 18.36
C TRP C 172 -27.19 -8.19 18.03
N TYR C 173 -27.30 -9.04 19.04
CA TYR C 173 -27.84 -10.38 18.82
C TYR C 173 -29.30 -10.28 18.37
N GLN C 174 -29.59 -10.80 17.18
CA GLN C 174 -30.93 -11.20 16.76
C GLN C 174 -30.97 -12.70 17.04
N THR C 175 -31.91 -13.23 17.82
CA THR C 175 -31.75 -14.60 18.35
C THR C 175 -30.43 -14.75 19.16
N ASN C 176 -29.54 -15.70 18.85
CA ASN C 176 -28.37 -16.05 19.67
C ASN C 176 -27.29 -16.79 18.84
N PHE C 177 -26.08 -16.86 19.37
CA PHE C 177 -25.02 -17.73 18.86
C PHE C 177 -25.30 -19.18 19.32
N VAL C 178 -25.81 -20.01 18.42
CA VAL C 178 -26.27 -21.37 18.73
C VAL C 178 -25.33 -22.40 18.11
N VAL C 179 -24.95 -23.39 18.91
CA VAL C 179 -24.05 -24.46 18.49
C VAL C 179 -24.54 -25.83 18.98
N PRO C 180 -24.21 -26.91 18.25
CA PRO C 180 -24.38 -28.27 18.75
C PRO C 180 -23.22 -28.61 19.70
N ASP C 181 -23.19 -29.83 20.21
CA ASP C 181 -22.03 -30.37 20.94
C ASP C 181 -20.73 -30.32 20.09
N SER C 182 -19.57 -30.44 20.72
CA SER C 182 -18.25 -30.49 20.06
C SER C 182 -17.94 -29.32 19.12
N THR C 183 -18.53 -28.16 19.40
CA THR C 183 -18.36 -26.90 18.66
C THR C 183 -18.02 -25.80 19.66
N PRO C 184 -17.01 -24.94 19.43
CA PRO C 184 -16.71 -23.85 20.36
C PRO C 184 -17.94 -22.95 20.53
N ASP C 185 -18.30 -22.59 21.76
CA ASP C 185 -19.46 -21.74 22.08
C ASP C 185 -19.22 -20.23 21.82
N ASN C 186 -18.12 -19.93 21.16
CA ASN C 186 -17.63 -18.60 20.88
C ASN C 186 -16.93 -18.59 19.51
N ALA C 187 -16.86 -17.43 18.90
CA ALA C 187 -16.31 -17.21 17.58
C ALA C 187 -15.87 -15.76 17.42
N LYS C 188 -15.25 -15.47 16.29
CA LYS C 188 -14.88 -14.12 15.90
C LYS C 188 -15.61 -13.70 14.63
N MET C 189 -15.84 -12.41 14.53
CA MET C 189 -16.32 -11.72 13.35
C MET C 189 -15.26 -10.68 12.95
N VAL C 190 -15.02 -10.51 11.65
CA VAL C 190 -14.13 -9.48 11.12
C VAL C 190 -14.97 -8.41 10.44
N CYS C 191 -14.73 -7.14 10.78
CA CYS C 191 -15.47 -6.00 10.25
C CYS C 191 -14.59 -5.28 9.22
N MET C 192 -15.17 -4.89 8.10
CA MET C 192 -14.50 -4.24 6.98
C MET C 192 -15.27 -3.02 6.53
N VAL C 193 -14.59 -2.06 5.92
CA VAL C 193 -15.22 -0.87 5.35
C VAL C 193 -14.68 -0.60 3.94
N SER C 194 -15.55 -0.12 3.06
CA SER C 194 -15.21 0.40 1.74
C SER C 194 -16.26 1.40 1.27
N ALA C 195 -15.91 2.17 0.24
CA ALA C 195 -16.77 3.17 -0.40
C ALA C 195 -17.82 2.56 -1.35
N CYS C 196 -19.07 3.05 -1.32
CA CYS C 196 -20.05 2.84 -2.40
C CYS C 196 -19.76 3.70 -3.63
N LYS C 197 -20.55 3.51 -4.70
CA LYS C 197 -20.36 4.19 -6.00
C LYS C 197 -20.48 5.71 -5.97
N ASP C 198 -21.13 6.29 -4.97
CA ASP C 198 -21.36 7.74 -4.81
C ASP C 198 -20.28 8.45 -3.96
N PHE C 199 -19.36 7.69 -3.35
CA PHE C 199 -18.39 8.23 -2.41
C PHE C 199 -17.35 9.14 -3.07
N CYS C 200 -17.07 10.28 -2.47
CA CYS C 200 -16.07 11.24 -2.94
C CYS C 200 -15.37 11.95 -1.78
N LEU C 201 -14.17 12.43 -2.06
CA LEU C 201 -13.37 13.29 -1.20
C LEU C 201 -13.03 14.58 -1.97
N ARG C 202 -12.93 15.72 -1.28
CA ARG C 202 -12.79 17.01 -1.99
C ARG C 202 -11.48 17.75 -1.76
N LEU C 203 -11.38 18.50 -0.68
CA LEU C 203 -10.35 19.52 -0.50
C LEU C 203 -9.09 18.93 0.15
N ALA C 204 -8.03 18.69 -0.64
CA ALA C 204 -6.81 18.04 -0.18
C ALA C 204 -6.14 18.81 0.98
N ARG C 205 -5.59 18.09 1.95
CA ARG C 205 -4.92 18.63 3.15
C ARG C 205 -3.81 17.70 3.63
N ASP C 206 -2.90 18.22 4.44
CA ASP C 206 -1.97 17.38 5.20
C ASP C 206 -2.74 16.44 6.14
N THR C 207 -2.34 15.17 6.21
CA THR C 207 -2.96 14.21 7.13
C THR C 207 -2.61 14.51 8.59
N ASN C 208 -3.57 14.29 9.49
CA ASN C 208 -3.37 14.29 10.94
C ASN C 208 -2.86 12.93 11.47
N LEU C 209 -2.79 11.89 10.61
CA LEU C 209 -2.45 10.52 10.98
C LEU C 209 -0.97 10.17 10.76
N HIS C 210 -0.09 11.14 10.49
CA HIS C 210 1.35 10.91 10.42
C HIS C 210 2.12 12.20 10.71
N THR C 211 3.16 12.10 11.52
CA THR C 211 3.97 13.22 12.00
C THR C 211 5.47 12.92 11.82
N GLN C 212 6.29 13.96 11.80
CA GLN C 212 7.75 13.83 11.82
C GLN C 212 8.36 14.70 12.91
N GLU C 213 9.21 14.10 13.73
CA GLU C 213 10.13 14.80 14.64
C GLU C 213 11.57 14.46 14.23
N GLY C 214 12.38 15.50 13.97
CA GLY C 214 13.78 15.35 13.51
C GLY C 214 13.95 14.71 12.13
N ASN D 1 -3.76 24.13 -26.25
CA ASN D 1 -2.88 24.56 -25.12
C ASN D 1 -1.49 24.86 -25.65
N ILE D 2 -1.01 26.10 -25.50
CA ILE D 2 0.32 26.53 -25.97
C ILE D 2 1.42 25.93 -25.08
N ASN D 3 2.44 25.33 -25.69
CA ASN D 3 3.64 24.84 -25.00
C ASN D 3 4.84 25.73 -25.33
N TYR D 4 5.42 26.38 -24.32
CA TYR D 4 6.49 27.37 -24.51
C TYR D 4 7.90 26.76 -24.65
N PHE D 5 8.09 25.52 -24.22
CA PHE D 5 9.40 24.86 -24.15
C PHE D 5 9.45 23.60 -25.02
N LYS D 6 10.65 23.22 -25.47
CA LYS D 6 10.89 22.18 -26.48
C LYS D 6 10.75 20.73 -25.98
N ASP D 7 10.47 20.51 -24.70
CA ASP D 7 10.37 19.20 -24.06
C ASP D 7 8.94 18.88 -23.59
N ALA D 8 8.43 17.66 -23.80
CA ALA D 8 7.12 17.25 -23.31
C ALA D 8 7.01 17.38 -21.79
N ALA D 9 8.07 17.03 -21.05
CA ALA D 9 8.15 17.13 -19.60
C ALA D 9 7.93 18.55 -19.06
N SER D 10 8.28 19.59 -19.84
CA SER D 10 8.11 20.99 -19.45
C SER D 10 6.65 21.45 -19.34
N SER D 11 5.70 20.74 -19.98
CA SER D 11 4.27 21.09 -19.91
C SER D 11 3.72 20.97 -18.48
N GLY D 12 2.60 21.67 -18.21
CA GLY D 12 1.90 21.64 -16.92
C GLY D 12 1.21 20.30 -16.65
N ALA D 13 0.35 20.22 -15.63
CA ALA D 13 -0.33 18.97 -15.27
C ALA D 13 -1.07 18.33 -16.46
N SER D 14 -1.01 17.00 -16.56
CA SER D 14 -1.68 16.25 -17.63
C SER D 14 -3.22 16.22 -17.45
N ARG D 15 -3.96 15.96 -18.54
CA ARG D 15 -5.42 15.78 -18.49
C ARG D 15 -5.81 14.54 -17.67
N LEU D 16 -6.96 14.56 -17.00
CA LEU D 16 -7.38 13.46 -16.13
C LEU D 16 -7.90 12.23 -16.89
N ASP D 17 -7.73 11.05 -16.30
CA ASP D 17 -8.10 9.72 -16.83
C ASP D 17 -8.74 8.82 -15.76
#